data_3I6K
#
_entry.id   3I6K
#
_cell.length_a   65.540
_cell.length_b   108.028
_cell.length_c   134.975
_cell.angle_alpha   90.00
_cell.angle_beta   90.00
_cell.angle_gamma   90.00
#
_symmetry.space_group_name_H-M   'P 21 21 21'
#
loop_
_entity.id
_entity.type
_entity.pdbx_description
1 polymer 'HLA class I histocompatibility antigen, A-2 alpha chain'
2 polymer Beta-2-microglobulin
3 polymer 'Membrane glycoprotein peptide'
4 water water
#
loop_
_entity_poly.entity_id
_entity_poly.type
_entity_poly.pdbx_seq_one_letter_code
_entity_poly.pdbx_strand_id
1 'polypeptide(L)'
;GSHSMRYFFTSVSRPGRGEPRFIAVGYVDDTQFVRFDSDAASQRMEPRAPWIEQEGPEYWDGETRKVKAHSQTHRVDLGT
LRGYYNQSEAGSHTVQRMYGCDVGSDWRFLRGYHQYAYDGKDYIALKEDLRSWTAADMAAQTTKHKWEAAHVAEQLRAYL
EGTCVEWLRRYLENGKETLQRTDAPKTHMTHHAVSDHEATLRCWALSFYPAEITLTWQRDGEDQTQDTELVETRPAGDGT
FQKWAAVVVPSGQEQRYTCHVQHEGLPKPLTLRWE
;
A,E
2 'polypeptide(L)'
;MIQRTPKIQVYSRHPAENGKSNFLNCYVSGFHPSDIEVDLLKNGERIEKVEHSDLSFSKDWSFYLLYYTEFTPTEKDEYA
CRVNHVTLSQPKIVKWDRDM
;
B,F
3 'polypeptide(L)' TLACFVLAAV C,G
#
# COMPACT_ATOMS: atom_id res chain seq x y z
N GLY A 1 -6.85 1.35 -1.64
CA GLY A 1 -6.64 2.70 -2.16
C GLY A 1 -6.72 3.77 -1.09
N SER A 2 -5.64 4.52 -0.90
CA SER A 2 -5.61 5.63 0.04
C SER A 2 -6.19 6.89 -0.59
N HIS A 3 -6.65 7.81 0.24
CA HIS A 3 -7.20 9.07 -0.25
C HIS A 3 -6.85 10.24 0.66
N SER A 4 -7.03 11.45 0.17
CA SER A 4 -6.69 12.65 0.92
C SER A 4 -7.45 13.89 0.46
N MET A 5 -7.54 14.88 1.34
CA MET A 5 -8.06 16.19 0.98
C MET A 5 -7.09 17.27 1.43
N ARG A 6 -6.77 18.20 0.53
CA ARG A 6 -5.82 19.26 0.82
C ARG A 6 -6.35 20.62 0.45
N TYR A 7 -6.01 21.62 1.26
CA TYR A 7 -6.24 23.01 0.90
C TYR A 7 -4.92 23.76 0.87
N PHE A 8 -4.65 24.44 -0.23
CA PHE A 8 -3.43 25.23 -0.36
C PHE A 8 -3.76 26.72 -0.43
N PHE A 9 -3.16 27.49 0.47
CA PHE A 9 -3.43 28.93 0.52
C PHE A 9 -2.19 29.77 0.23
N THR A 10 -2.36 30.75 -0.65
CA THR A 10 -1.27 31.64 -1.02
C THR A 10 -1.65 33.08 -0.76
N SER A 11 -0.85 33.76 0.06
CA SER A 11 -1.08 35.17 0.37
C SER A 11 0.13 35.97 -0.07
N VAL A 12 -0.09 36.97 -0.93
CA VAL A 12 1.01 37.72 -1.50
C VAL A 12 0.83 39.23 -1.39
N SER A 13 1.72 39.87 -0.63
CA SER A 13 1.76 41.32 -0.59
C SER A 13 2.43 41.82 -1.87
N ARG A 14 1.98 42.96 -2.36
CA ARG A 14 2.53 43.53 -3.59
C ARG A 14 2.51 45.05 -3.53
N PRO A 15 3.50 45.64 -2.83
CA PRO A 15 3.62 47.09 -2.65
C PRO A 15 3.62 47.85 -3.97
N GLY A 16 2.67 48.75 -4.13
CA GLY A 16 2.56 49.54 -5.34
C GLY A 16 1.73 48.84 -6.41
N ARG A 17 1.06 47.77 -6.01
CA ARG A 17 0.20 47.02 -6.94
C ARG A 17 -1.13 46.69 -6.27
N GLY A 18 -1.49 47.46 -5.26
CA GLY A 18 -2.76 47.30 -4.59
C GLY A 18 -2.71 46.39 -3.37
N GLU A 19 -3.90 45.95 -2.94
CA GLU A 19 -4.03 45.12 -1.74
C GLU A 19 -3.55 43.69 -1.94
N PRO A 20 -3.19 43.01 -0.84
CA PRO A 20 -2.64 41.65 -0.87
C PRO A 20 -3.48 40.70 -1.70
N ARG A 21 -2.81 39.79 -2.39
CA ARG A 21 -3.47 38.76 -3.17
C ARG A 21 -3.73 37.55 -2.27
N PHE A 22 -4.90 36.93 -2.42
CA PHE A 22 -5.20 35.72 -1.67
C PHE A 22 -5.83 34.65 -2.55
N ILE A 23 -5.19 33.49 -2.61
CA ILE A 23 -5.67 32.39 -3.43
C ILE A 23 -5.80 31.10 -2.62
N ALA A 24 -6.93 30.44 -2.78
CA ALA A 24 -7.15 29.15 -2.13
C ALA A 24 -7.58 28.12 -3.14
N VAL A 25 -6.97 26.94 -3.09
CA VAL A 25 -7.39 25.83 -3.93
C VAL A 25 -7.57 24.58 -3.08
N GLY A 26 -8.54 23.76 -3.45
CA GLY A 26 -8.82 22.55 -2.73
C GLY A 26 -8.67 21.32 -3.61
N TYR A 27 -8.03 20.29 -3.07
CA TYR A 27 -7.82 19.06 -3.80
C TYR A 27 -8.39 17.86 -3.06
N VAL A 28 -8.95 16.93 -3.82
CA VAL A 28 -9.24 15.59 -3.32
C VAL A 28 -8.39 14.65 -4.15
N ASP A 29 -7.41 14.02 -3.53
CA ASP A 29 -6.42 13.25 -4.26
C ASP A 29 -5.68 14.18 -5.21
N ASP A 30 -5.61 13.80 -6.48
CA ASP A 30 -4.88 14.57 -7.47
C ASP A 30 -5.82 15.45 -8.28
N THR A 31 -7.06 15.53 -7.84
CA THR A 31 -8.09 16.33 -8.52
C THR A 31 -8.44 17.57 -7.72
N GLN A 32 -8.39 18.73 -8.37
CA GLN A 32 -8.83 19.95 -7.70
C GLN A 32 -10.34 20.08 -7.86
N PHE A 33 -10.98 20.72 -6.88
CA PHE A 33 -12.42 20.86 -6.94
C PHE A 33 -12.95 22.27 -6.62
N VAL A 34 -12.15 23.08 -5.90
CA VAL A 34 -12.58 24.44 -5.56
C VAL A 34 -11.45 25.46 -5.67
N ARG A 35 -11.82 26.73 -5.73
CA ARG A 35 -10.84 27.81 -5.78
C ARG A 35 -11.43 29.12 -5.29
N PHE A 36 -10.55 30.02 -4.85
CA PHE A 36 -10.93 31.38 -4.54
C PHE A 36 -9.80 32.31 -4.93
N ASP A 37 -10.12 33.34 -5.69
CA ASP A 37 -9.11 34.30 -6.10
C ASP A 37 -9.57 35.73 -5.82
N SER A 38 -8.94 36.35 -4.82
CA SER A 38 -9.31 37.71 -4.42
C SER A 38 -9.26 38.70 -5.58
N ASP A 39 -8.63 38.29 -6.68
CA ASP A 39 -8.57 39.15 -7.86
C ASP A 39 -9.70 38.85 -8.83
N ALA A 40 -10.35 37.70 -8.66
CA ALA A 40 -11.47 37.31 -9.49
C ALA A 40 -12.66 38.24 -9.24
N ALA A 41 -13.74 38.02 -9.99
CA ALA A 41 -14.88 38.93 -9.97
C ALA A 41 -15.97 38.51 -8.98
N SER A 42 -16.23 37.20 -8.88
CA SER A 42 -17.34 36.71 -8.07
C SER A 42 -17.16 37.03 -6.59
N GLN A 43 -15.91 37.02 -6.13
CA GLN A 43 -15.59 37.20 -4.71
C GLN A 43 -16.15 36.05 -3.87
N ARG A 44 -16.42 34.93 -4.52
CA ARG A 44 -16.96 33.74 -3.86
C ARG A 44 -16.09 32.52 -4.14
N MET A 45 -16.32 31.45 -3.39
CA MET A 45 -15.66 30.18 -3.68
C MET A 45 -16.30 29.59 -4.93
N GLU A 46 -15.49 29.03 -5.81
CA GLU A 46 -15.98 28.57 -7.10
C GLU A 46 -15.69 27.10 -7.34
N PRO A 47 -16.61 26.41 -8.03
CA PRO A 47 -16.43 25.00 -8.39
C PRO A 47 -15.41 24.82 -9.53
N ARG A 48 -14.44 23.94 -9.32
CA ARG A 48 -13.45 23.64 -10.34
C ARG A 48 -13.52 22.16 -10.70
N ALA A 49 -14.71 21.60 -10.55
CA ALA A 49 -14.97 20.20 -10.88
C ALA A 49 -16.46 20.01 -11.05
N PRO A 50 -16.87 19.26 -12.09
CA PRO A 50 -18.28 19.01 -12.37
C PRO A 50 -19.05 18.41 -11.19
N TRP A 51 -18.44 17.50 -10.44
CA TRP A 51 -19.16 16.79 -9.38
C TRP A 51 -19.44 17.65 -8.15
N ILE A 52 -18.67 18.71 -7.98
CA ILE A 52 -18.88 19.61 -6.85
C ILE A 52 -19.97 20.64 -7.20
N GLU A 53 -20.23 20.80 -8.49
CA GLU A 53 -21.23 21.77 -8.96
C GLU A 53 -22.60 21.54 -8.34
N GLN A 54 -22.93 20.28 -8.06
CA GLN A 54 -24.25 19.95 -7.55
C GLN A 54 -24.42 20.22 -6.06
N GLU A 55 -23.46 20.94 -5.47
CA GLU A 55 -23.59 21.43 -4.10
C GLU A 55 -24.51 22.64 -4.09
N GLY A 56 -25.36 22.72 -3.07
CA GLY A 56 -26.35 23.80 -2.98
C GLY A 56 -25.80 25.12 -2.47
N PRO A 57 -26.61 26.18 -2.58
CA PRO A 57 -26.25 27.53 -2.13
C PRO A 57 -25.80 27.55 -0.68
N GLU A 58 -26.30 26.62 0.13
CA GLU A 58 -25.90 26.53 1.53
C GLU A 58 -24.40 26.27 1.61
N TYR A 59 -23.94 25.32 0.82
CA TYR A 59 -22.53 24.95 0.78
C TYR A 59 -21.65 26.12 0.34
N TRP A 60 -21.98 26.69 -0.82
CA TRP A 60 -21.15 27.76 -1.40
C TRP A 60 -21.11 29.03 -0.56
N ASP A 61 -22.25 29.42 -0.01
CA ASP A 61 -22.29 30.57 0.88
C ASP A 61 -21.36 30.34 2.06
N GLY A 62 -21.43 29.13 2.63
CA GLY A 62 -20.62 28.79 3.79
C GLY A 62 -19.14 28.81 3.49
N GLU A 63 -18.75 28.17 2.38
CA GLU A 63 -17.36 28.12 1.97
C GLU A 63 -16.81 29.52 1.68
N THR A 64 -17.65 30.35 1.07
CA THR A 64 -17.25 31.72 0.76
C THR A 64 -16.94 32.52 2.02
N ARG A 65 -17.78 32.36 3.03
CA ARG A 65 -17.61 33.03 4.30
C ARG A 65 -16.29 32.64 4.96
N LYS A 66 -16.02 31.33 4.98
CA LYS A 66 -14.80 30.82 5.59
C LYS A 66 -13.56 31.33 4.88
N VAL A 67 -13.53 31.19 3.56
CA VAL A 67 -12.38 31.57 2.77
C VAL A 67 -12.10 33.06 2.93
N LYS A 68 -13.16 33.85 3.12
CA LYS A 68 -13.02 35.28 3.38
C LYS A 68 -12.36 35.50 4.74
N ALA A 69 -12.78 34.73 5.73
CA ALA A 69 -12.18 34.79 7.05
C ALA A 69 -10.71 34.39 6.97
N HIS A 70 -10.43 33.31 6.25
CA HIS A 70 -9.07 32.89 6.01
C HIS A 70 -8.27 34.06 5.46
N SER A 71 -8.78 34.65 4.38
CA SER A 71 -8.16 35.80 3.75
C SER A 71 -7.80 36.89 4.76
N GLN A 72 -8.76 37.30 5.57
CA GLN A 72 -8.54 38.36 6.56
C GLN A 72 -7.39 38.03 7.53
N THR A 73 -7.36 36.79 8.00
CA THR A 73 -6.31 36.36 8.90
C THR A 73 -4.94 36.53 8.26
N HIS A 74 -4.82 36.11 7.00
CA HIS A 74 -3.56 36.23 6.30
C HIS A 74 -3.20 37.68 6.01
N ARG A 75 -4.21 38.52 5.82
CA ARG A 75 -3.99 39.93 5.60
C ARG A 75 -3.29 40.54 6.81
N VAL A 76 -3.76 40.17 7.99
CA VAL A 76 -3.16 40.63 9.23
C VAL A 76 -1.75 40.06 9.39
N ASP A 77 -1.61 38.77 9.11
CA ASP A 77 -0.35 38.08 9.29
C ASP A 77 0.77 38.72 8.50
N LEU A 78 0.47 39.15 7.28
CA LEU A 78 1.47 39.77 6.42
C LEU A 78 2.19 40.91 7.13
N GLY A 79 1.41 41.75 7.81
CA GLY A 79 1.98 42.89 8.53
C GLY A 79 2.73 42.45 9.77
N THR A 80 2.13 41.52 10.50
CA THR A 80 2.73 40.97 11.71
C THR A 80 4.11 40.41 11.41
N LEU A 81 4.20 39.60 10.35
CA LEU A 81 5.46 38.99 9.97
C LEU A 81 6.51 40.04 9.60
N ARG A 82 6.09 41.09 8.91
CA ARG A 82 6.97 42.21 8.63
C ARG A 82 7.61 42.71 9.92
N GLY A 83 6.81 42.83 10.97
CA GLY A 83 7.27 43.32 12.25
C GLY A 83 8.25 42.39 12.92
N TYR A 84 7.94 41.09 12.91
CA TYR A 84 8.81 40.09 13.54
C TYR A 84 10.22 40.11 12.95
N TYR A 85 10.32 40.31 11.65
CA TYR A 85 11.60 40.26 10.95
C TYR A 85 12.16 41.63 10.64
N ASN A 86 11.47 42.68 11.08
CA ASN A 86 11.91 44.05 10.84
C ASN A 86 12.08 44.34 9.34
N GLN A 87 11.00 44.23 8.59
CA GLN A 87 11.01 44.49 7.16
C GLN A 87 10.16 45.70 6.79
N SER A 88 10.67 46.53 5.89
CA SER A 88 9.94 47.70 5.43
C SER A 88 8.78 47.25 4.55
N GLU A 89 7.74 48.07 4.48
CA GLU A 89 6.58 47.72 3.66
C GLU A 89 6.79 48.11 2.19
N ALA A 90 7.99 47.82 1.69
CA ALA A 90 8.31 48.10 0.30
C ALA A 90 8.59 46.79 -0.44
N GLY A 91 9.13 45.82 0.29
CA GLY A 91 9.43 44.52 -0.28
C GLY A 91 8.21 43.64 -0.45
N SER A 92 8.27 42.75 -1.44
CA SER A 92 7.18 41.82 -1.71
C SER A 92 7.38 40.55 -0.88
N HIS A 93 6.30 40.01 -0.33
CA HIS A 93 6.39 38.82 0.53
C HIS A 93 5.28 37.81 0.28
N THR A 94 5.55 36.54 0.58
CA THR A 94 4.56 35.48 0.39
C THR A 94 4.36 34.63 1.64
N VAL A 95 3.09 34.33 1.93
CA VAL A 95 2.75 33.40 2.99
C VAL A 95 2.02 32.19 2.40
N GLN A 96 2.33 31.00 2.90
CA GLN A 96 1.69 29.79 2.41
C GLN A 96 1.13 28.93 3.55
N ARG A 97 -0.12 28.49 3.38
CA ARG A 97 -0.74 27.58 4.34
C ARG A 97 -1.23 26.31 3.66
N MET A 98 -1.07 25.18 4.34
CA MET A 98 -1.52 23.90 3.80
C MET A 98 -2.10 23.04 4.90
N TYR A 99 -3.36 22.66 4.78
CA TYR A 99 -3.94 21.70 5.71
C TYR A 99 -4.87 20.72 5.01
N GLY A 100 -5.10 19.59 5.66
CA GLY A 100 -5.89 18.51 5.10
C GLY A 100 -5.66 17.24 5.88
N CYS A 101 -6.18 16.13 5.36
CA CYS A 101 -6.11 14.86 6.08
C CYS A 101 -5.91 13.68 5.14
N ASP A 102 -5.58 12.53 5.73
CA ASP A 102 -5.35 11.30 4.99
C ASP A 102 -6.23 10.17 5.50
N VAL A 103 -6.71 9.34 4.59
CA VAL A 103 -7.43 8.12 4.97
C VAL A 103 -6.78 6.89 4.35
N GLY A 104 -6.75 5.80 5.11
CA GLY A 104 -6.26 4.54 4.59
C GLY A 104 -7.23 3.93 3.60
N SER A 105 -6.91 2.72 3.12
CA SER A 105 -7.75 2.04 2.15
C SER A 105 -9.13 1.74 2.74
N ASP A 106 -9.21 1.75 4.06
CA ASP A 106 -10.46 1.50 4.77
C ASP A 106 -11.25 2.79 4.96
N TRP A 107 -10.74 3.89 4.44
CA TRP A 107 -11.41 5.19 4.52
C TRP A 107 -11.42 5.77 5.93
N ARG A 108 -10.47 5.34 6.75
CA ARG A 108 -10.38 5.84 8.13
C ARG A 108 -9.19 6.77 8.30
N PHE A 109 -9.30 7.71 9.24
CA PHE A 109 -8.26 8.70 9.46
C PHE A 109 -6.88 8.07 9.63
N LEU A 110 -5.91 8.56 8.86
CA LEU A 110 -4.53 8.13 9.00
C LEU A 110 -3.68 9.23 9.64
N ARG A 111 -3.88 10.46 9.17
CA ARG A 111 -2.98 11.55 9.52
C ARG A 111 -3.52 12.89 9.02
N GLY A 112 -3.22 13.96 9.76
CA GLY A 112 -3.60 15.30 9.38
C GLY A 112 -2.44 16.27 9.52
N TYR A 113 -2.52 17.41 8.84
CA TYR A 113 -1.42 18.38 8.88
C TYR A 113 -1.85 19.83 8.74
N HIS A 114 -0.99 20.72 9.23
CA HIS A 114 -1.19 22.15 9.12
C HIS A 114 0.17 22.82 9.03
N GLN A 115 0.65 22.99 7.80
CA GLN A 115 1.96 23.56 7.57
C GLN A 115 1.84 25.00 7.09
N TYR A 116 2.71 25.85 7.62
CA TYR A 116 2.66 27.29 7.38
C TYR A 116 4.07 27.76 7.02
N ALA A 117 4.17 28.59 5.99
CA ALA A 117 5.47 29.04 5.50
C ALA A 117 5.50 30.53 5.17
N TYR A 118 6.69 31.12 5.31
CA TYR A 118 6.87 32.54 5.01
C TYR A 118 8.06 32.72 4.09
N ASP A 119 7.81 33.31 2.93
CA ASP A 119 8.84 33.49 1.92
C ASP A 119 9.55 32.18 1.56
N GLY A 120 8.76 31.14 1.33
CA GLY A 120 9.27 29.88 0.82
C GLY A 120 9.97 28.99 1.84
N LYS A 121 10.10 29.49 3.06
CA LYS A 121 10.76 28.73 4.13
C LYS A 121 9.75 28.27 5.17
N ASP A 122 9.99 27.11 5.77
CA ASP A 122 9.17 26.64 6.88
C ASP A 122 9.02 27.74 7.94
N TYR A 123 7.82 27.87 8.50
CA TYR A 123 7.60 28.81 9.58
C TYR A 123 7.13 28.09 10.84
N ILE A 124 5.91 27.58 10.81
CA ILE A 124 5.39 26.79 11.91
C ILE A 124 4.50 25.67 11.37
N ALA A 125 4.50 24.53 12.05
CA ALA A 125 3.71 23.39 11.59
C ALA A 125 3.16 22.59 12.76
N LEU A 126 2.04 21.91 12.50
CA LEU A 126 1.40 21.08 13.52
C LEU A 126 2.02 19.70 13.51
N LYS A 127 2.52 19.27 14.66
CA LYS A 127 3.10 17.93 14.78
C LYS A 127 2.05 16.85 14.54
N GLU A 128 2.52 15.65 14.22
CA GLU A 128 1.62 14.53 13.90
C GLU A 128 0.56 14.28 14.96
N ASP A 129 0.93 14.41 16.23
CA ASP A 129 0.00 14.17 17.31
C ASP A 129 -1.16 15.16 17.28
N LEU A 130 -1.04 16.17 16.40
CA LEU A 130 -2.05 17.22 16.29
C LEU A 130 -2.26 17.89 17.64
N ARG A 131 -1.19 17.94 18.44
CA ARG A 131 -1.28 18.49 19.78
C ARG A 131 -0.18 19.50 20.10
N SER A 132 0.87 19.49 19.30
CA SER A 132 2.00 20.39 19.55
C SER A 132 2.55 20.99 18.25
N TRP A 133 3.40 22.00 18.38
CA TRP A 133 3.89 22.74 17.23
C TRP A 133 5.39 22.66 17.04
N THR A 134 5.83 22.85 15.81
CA THR A 134 7.26 22.96 15.51
C THR A 134 7.56 24.31 14.89
N ALA A 135 8.29 25.14 15.63
CA ALA A 135 8.64 26.47 15.17
C ALA A 135 9.98 26.46 14.47
N ALA A 136 10.01 26.98 13.25
CA ALA A 136 11.22 26.96 12.43
C ALA A 136 12.34 27.84 12.98
N ASP A 137 11.97 28.99 13.54
CA ASP A 137 12.97 29.91 14.09
C ASP A 137 12.47 30.60 15.36
N MET A 138 13.18 31.64 15.78
CA MET A 138 12.80 32.36 16.99
C MET A 138 11.52 33.17 16.79
N ALA A 139 11.32 33.70 15.59
CA ALA A 139 10.09 34.43 15.29
C ALA A 139 8.87 33.55 15.52
N ALA A 140 8.90 32.35 14.95
CA ALA A 140 7.78 31.42 15.06
C ALA A 140 7.58 30.96 16.50
N GLN A 141 8.57 31.21 17.35
CA GLN A 141 8.45 30.90 18.76
C GLN A 141 7.32 31.71 19.37
N THR A 142 7.29 33.01 19.05
CA THR A 142 6.26 33.89 19.55
C THR A 142 4.87 33.45 19.08
N THR A 143 4.79 33.01 17.83
CA THR A 143 3.53 32.49 17.30
C THR A 143 3.16 31.19 18.01
N LYS A 144 4.15 30.35 18.24
CA LYS A 144 3.95 29.10 18.97
C LYS A 144 3.35 29.38 20.34
N HIS A 145 3.86 30.40 21.02
CA HIS A 145 3.33 30.78 22.31
C HIS A 145 1.85 31.16 22.17
N LYS A 146 1.59 32.15 21.32
CA LYS A 146 0.22 32.59 21.06
C LYS A 146 -0.71 31.40 20.89
N TRP A 147 -0.41 30.58 19.90
CA TRP A 147 -1.29 29.47 19.51
C TRP A 147 -1.49 28.42 20.60
N GLU A 148 -0.44 28.18 21.40
CA GLU A 148 -0.59 27.30 22.56
C GLU A 148 -1.60 27.88 23.54
N ALA A 149 -1.43 29.16 23.87
CA ALA A 149 -2.32 29.86 24.79
C ALA A 149 -3.75 29.93 24.28
N ALA A 150 -3.93 29.89 22.97
CA ALA A 150 -5.25 30.00 22.37
C ALA A 150 -5.85 28.62 22.06
N HIS A 151 -5.08 27.57 22.36
CA HIS A 151 -5.52 26.22 22.08
C HIS A 151 -5.95 26.03 20.63
N VAL A 152 -5.10 26.46 19.71
CA VAL A 152 -5.34 26.28 18.29
C VAL A 152 -5.28 24.80 17.92
N ALA A 153 -4.38 24.06 18.56
CA ALA A 153 -4.16 22.65 18.24
C ALA A 153 -5.45 21.85 18.29
N GLU A 154 -6.08 21.79 19.47
CA GLU A 154 -7.29 21.00 19.65
C GLU A 154 -8.37 21.41 18.65
N GLN A 155 -8.40 22.69 18.31
CA GLN A 155 -9.35 23.18 17.32
C GLN A 155 -9.10 22.52 15.97
N LEU A 156 -7.84 22.53 15.53
CA LEU A 156 -7.47 21.93 14.26
C LEU A 156 -7.66 20.42 14.28
N ARG A 157 -7.23 19.79 15.37
CA ARG A 157 -7.34 18.34 15.50
C ARG A 157 -8.78 17.88 15.33
N ALA A 158 -9.71 18.66 15.87
CA ALA A 158 -11.12 18.33 15.74
C ALA A 158 -11.50 18.32 14.26
N TYR A 159 -11.11 19.37 13.55
CA TYR A 159 -11.36 19.47 12.13
C TYR A 159 -10.70 18.33 11.34
N LEU A 160 -9.41 18.14 11.58
CA LEU A 160 -8.62 17.16 10.83
C LEU A 160 -9.07 15.71 11.04
N GLU A 161 -9.42 15.35 12.28
CA GLU A 161 -9.81 13.98 12.60
C GLU A 161 -11.26 13.68 12.24
N GLY A 162 -12.08 14.73 12.16
CA GLY A 162 -13.50 14.54 11.93
C GLY A 162 -14.01 15.16 10.64
N THR A 163 -14.46 16.41 10.72
CA THR A 163 -15.08 17.08 9.58
C THR A 163 -14.29 16.85 8.30
N CYS A 164 -12.99 17.09 8.36
CA CYS A 164 -12.13 16.90 7.20
C CYS A 164 -12.30 15.49 6.62
N VAL A 165 -12.25 14.49 7.49
CA VAL A 165 -12.38 13.10 7.06
C VAL A 165 -13.78 12.77 6.53
N GLU A 166 -14.81 13.20 7.27
CA GLU A 166 -16.19 12.95 6.88
C GLU A 166 -16.47 13.53 5.49
N TRP A 167 -15.99 14.74 5.24
CA TRP A 167 -16.24 15.40 3.97
C TRP A 167 -15.43 14.83 2.82
N LEU A 168 -14.22 14.34 3.13
CA LEU A 168 -13.44 13.65 2.13
C LEU A 168 -14.23 12.45 1.62
N ARG A 169 -14.85 11.72 2.55
CA ARG A 169 -15.64 10.56 2.20
C ARG A 169 -16.85 10.96 1.38
N ARG A 170 -17.55 12.00 1.83
CA ARG A 170 -18.72 12.49 1.11
C ARG A 170 -18.35 12.86 -0.33
N TYR A 171 -17.25 13.58 -0.49
CA TYR A 171 -16.77 13.94 -1.82
C TYR A 171 -16.49 12.70 -2.65
N LEU A 172 -15.92 11.68 -2.02
CA LEU A 172 -15.56 10.46 -2.72
C LEU A 172 -16.76 9.75 -3.37
N GLU A 173 -17.92 9.77 -2.71
CA GLU A 173 -19.13 9.21 -3.34
C GLU A 173 -19.75 10.17 -4.34
N ASN A 174 -19.86 11.45 -3.97
CA ASN A 174 -20.40 12.46 -4.88
C ASN A 174 -19.66 12.49 -6.21
N GLY A 175 -18.35 12.24 -6.15
CA GLY A 175 -17.53 12.20 -7.34
C GLY A 175 -17.01 10.80 -7.63
N LYS A 176 -17.87 9.80 -7.41
CA LYS A 176 -17.52 8.40 -7.63
C LYS A 176 -16.85 8.17 -8.98
N GLU A 177 -17.58 8.44 -10.06
CA GLU A 177 -17.09 8.19 -11.42
C GLU A 177 -15.75 8.88 -11.71
N THR A 178 -15.51 10.00 -11.04
CA THR A 178 -14.28 10.75 -11.24
C THR A 178 -13.20 10.31 -10.25
N LEU A 179 -13.45 10.54 -8.96
CA LEU A 179 -12.47 10.34 -7.92
C LEU A 179 -12.12 8.86 -7.66
N GLN A 180 -13.13 8.01 -7.67
CA GLN A 180 -12.94 6.58 -7.41
C GLN A 180 -12.63 5.82 -8.68
N ARG A 181 -11.85 6.44 -9.56
CA ARG A 181 -11.49 5.82 -10.83
C ARG A 181 -9.99 5.60 -10.93
N THR A 182 -9.60 4.66 -11.79
CA THR A 182 -8.19 4.51 -12.14
C THR A 182 -8.10 4.42 -13.66
N ASP A 183 -7.24 5.25 -14.24
CA ASP A 183 -7.02 5.24 -15.67
C ASP A 183 -5.66 4.62 -15.98
N ALA A 184 -5.68 3.41 -16.52
CA ALA A 184 -4.47 2.71 -16.87
C ALA A 184 -3.70 3.50 -17.93
N PRO A 185 -2.38 3.64 -17.74
CA PRO A 185 -1.56 4.43 -18.66
C PRO A 185 -1.57 3.83 -20.06
N LYS A 186 -1.76 4.66 -21.07
CA LYS A 186 -1.55 4.26 -22.45
C LYS A 186 -0.05 4.39 -22.72
N THR A 187 0.56 3.33 -23.22
CA THR A 187 2.00 3.32 -23.40
C THR A 187 2.43 3.18 -24.86
N HIS A 188 3.67 3.56 -25.11
CA HIS A 188 4.29 3.40 -26.42
C HIS A 188 5.74 3.86 -26.31
N MET A 189 6.58 3.41 -27.23
CA MET A 189 7.99 3.77 -27.20
C MET A 189 8.44 4.42 -28.51
N THR A 190 9.30 5.41 -28.41
CA THR A 190 9.83 6.08 -29.59
C THR A 190 11.36 6.07 -29.63
N HIS A 191 11.90 5.65 -30.78
CA HIS A 191 13.34 5.62 -30.99
C HIS A 191 13.78 6.81 -31.81
N HIS A 192 14.74 7.57 -31.29
CA HIS A 192 15.24 8.76 -31.98
C HIS A 192 16.76 8.78 -32.03
N ALA A 193 17.31 8.66 -33.24
CA ALA A 193 18.75 8.66 -33.45
C ALA A 193 19.31 10.08 -33.34
N VAL A 194 19.87 10.41 -32.18
CA VAL A 194 20.45 11.72 -31.96
C VAL A 194 21.78 11.87 -32.69
N SER A 195 22.79 11.14 -32.22
CA SER A 195 24.11 11.13 -32.84
C SER A 195 24.24 9.94 -33.78
N ASP A 196 25.47 9.68 -34.22
CA ASP A 196 25.74 8.51 -35.05
C ASP A 196 26.09 7.31 -34.17
N HIS A 197 26.56 7.59 -32.95
CA HIS A 197 26.97 6.54 -32.03
C HIS A 197 25.91 6.27 -30.98
N GLU A 198 25.06 7.26 -30.72
CA GLU A 198 24.07 7.14 -29.65
C GLU A 198 22.67 7.51 -30.10
N ALA A 199 21.69 6.72 -29.64
CA ALA A 199 20.28 6.99 -29.89
C ALA A 199 19.54 7.07 -28.56
N THR A 200 18.43 7.80 -28.55
CA THR A 200 17.62 7.91 -27.34
C THR A 200 16.33 7.08 -27.43
N LEU A 201 16.09 6.29 -26.40
CA LEU A 201 14.84 5.55 -26.29
C LEU A 201 13.97 6.21 -25.23
N ARG A 202 12.76 6.61 -25.61
CA ARG A 202 11.85 7.27 -24.69
C ARG A 202 10.61 6.42 -24.43
N CYS A 203 10.35 6.17 -23.14
CA CYS A 203 9.19 5.37 -22.73
C CYS A 203 8.05 6.29 -22.31
N TRP A 204 6.91 6.17 -22.99
CA TRP A 204 5.78 7.06 -22.74
C TRP A 204 4.69 6.47 -21.86
N ALA A 205 4.12 7.31 -21.00
CA ALA A 205 2.93 6.98 -20.24
C ALA A 205 1.97 8.17 -20.34
N LEU A 206 0.75 7.91 -20.80
CA LEU A 206 -0.20 8.98 -21.02
C LEU A 206 -1.58 8.65 -20.47
N SER A 207 -2.38 9.70 -20.23
CA SER A 207 -3.77 9.55 -19.82
C SER A 207 -3.97 8.64 -18.62
N PHE A 208 -3.07 8.71 -17.64
CA PHE A 208 -3.21 7.85 -16.46
C PHE A 208 -3.69 8.63 -15.24
N TYR A 209 -4.34 7.92 -14.32
CA TYR A 209 -4.82 8.50 -13.07
C TYR A 209 -4.99 7.40 -12.04
N PRO A 210 -4.57 7.66 -10.79
CA PRO A 210 -4.00 8.93 -10.35
C PRO A 210 -2.56 9.14 -10.84
N ALA A 211 -1.89 10.14 -10.28
CA ALA A 211 -0.60 10.58 -10.78
C ALA A 211 0.55 9.63 -10.41
N GLU A 212 0.40 8.89 -9.33
CA GLU A 212 1.44 7.96 -8.90
C GLU A 212 1.78 7.00 -10.03
N ILE A 213 3.07 6.72 -10.20
CA ILE A 213 3.53 5.83 -11.25
C ILE A 213 5.04 5.65 -11.09
N THR A 214 5.58 4.61 -11.71
CA THR A 214 7.02 4.38 -11.66
C THR A 214 7.47 3.84 -13.02
N LEU A 215 8.49 4.47 -13.59
CA LEU A 215 9.05 4.03 -14.87
C LEU A 215 10.52 3.67 -14.68
N THR A 216 10.89 2.45 -15.06
CA THR A 216 12.26 1.98 -14.88
C THR A 216 12.85 1.48 -16.19
N TRP A 217 14.15 1.68 -16.36
CA TRP A 217 14.86 1.16 -17.52
C TRP A 217 15.83 0.05 -17.09
N GLN A 218 15.80 -1.06 -17.80
CA GLN A 218 16.72 -2.16 -17.53
C GLN A 218 17.49 -2.59 -18.77
N ARG A 219 18.77 -2.87 -18.59
CA ARG A 219 19.62 -3.37 -19.66
C ARG A 219 20.05 -4.78 -19.31
N ASP A 220 19.63 -5.74 -20.12
CA ASP A 220 19.88 -7.15 -19.86
C ASP A 220 19.09 -7.62 -18.64
N GLY A 221 18.11 -6.83 -18.23
CA GLY A 221 17.34 -7.12 -17.04
C GLY A 221 17.97 -6.53 -15.79
N GLU A 222 18.76 -5.49 -15.98
CA GLU A 222 19.44 -4.82 -14.87
C GLU A 222 19.13 -3.33 -14.85
N ASP A 223 18.76 -2.82 -13.68
CA ASP A 223 18.41 -1.40 -13.50
C ASP A 223 19.45 -0.47 -14.13
N GLN A 224 19.04 0.76 -14.45
CA GLN A 224 19.90 1.66 -15.21
C GLN A 224 20.31 2.96 -14.50
N THR A 225 21.46 3.49 -14.92
CA THR A 225 22.00 4.72 -14.39
C THR A 225 21.10 5.92 -14.72
N THR A 228 19.81 8.04 -17.97
CA THR A 228 18.44 8.01 -17.50
C THR A 228 17.91 9.41 -17.22
N GLU A 229 16.88 9.80 -17.98
CA GLU A 229 16.21 11.07 -17.73
C GLU A 229 14.75 10.80 -17.37
N LEU A 230 14.37 11.12 -16.14
CA LEU A 230 13.02 10.86 -15.67
C LEU A 230 12.28 12.19 -15.42
N VAL A 231 11.39 12.55 -16.33
CA VAL A 231 10.71 13.83 -16.24
C VAL A 231 9.62 13.87 -15.17
N GLU A 232 9.55 15.01 -14.48
CA GLU A 232 8.52 15.23 -13.46
C GLU A 232 7.17 14.97 -14.09
N THR A 233 6.33 14.20 -13.40
CA THR A 233 4.99 13.90 -13.91
C THR A 233 4.20 15.19 -14.14
N ARG A 234 3.65 15.32 -15.34
CA ARG A 234 2.97 16.55 -15.73
C ARG A 234 1.48 16.32 -16.01
N PRO A 235 0.66 17.36 -15.80
CA PRO A 235 -0.78 17.28 -16.02
C PRO A 235 -1.14 17.42 -17.50
N ALA A 236 -2.05 16.59 -17.99
CA ALA A 236 -2.48 16.67 -19.38
C ALA A 236 -3.43 17.85 -19.60
N GLY A 237 -4.13 18.24 -18.55
CA GLY A 237 -5.09 19.34 -18.65
C GLY A 237 -6.51 18.85 -18.77
N ASP A 238 -6.67 17.53 -18.75
CA ASP A 238 -8.00 16.92 -18.87
C ASP A 238 -8.25 15.97 -17.70
N GLY A 239 -7.51 16.15 -16.61
CA GLY A 239 -7.69 15.36 -15.41
C GLY A 239 -6.80 14.14 -15.32
N THR A 240 -6.02 13.89 -16.36
CA THR A 240 -5.06 12.79 -16.37
C THR A 240 -3.63 13.32 -16.32
N PHE A 241 -2.66 12.42 -16.25
CA PHE A 241 -1.26 12.84 -16.16
C PHE A 241 -0.37 12.15 -17.20
N GLN A 242 0.75 12.78 -17.49
CA GLN A 242 1.74 12.21 -18.41
C GLN A 242 3.10 12.02 -17.73
N LYS A 243 3.96 11.24 -18.37
CA LYS A 243 5.31 11.02 -17.87
C LYS A 243 6.09 10.14 -18.84
N TRP A 244 7.36 10.49 -19.05
CA TRP A 244 8.24 9.67 -19.88
C TRP A 244 9.61 9.48 -19.25
N ALA A 245 10.25 8.36 -19.58
CA ALA A 245 11.59 8.06 -19.12
C ALA A 245 12.46 7.71 -20.32
N ALA A 246 13.65 8.31 -20.39
CA ALA A 246 14.52 8.11 -21.54
C ALA A 246 15.90 7.61 -21.15
N VAL A 247 16.52 6.85 -22.05
CA VAL A 247 17.87 6.35 -21.87
C VAL A 247 18.66 6.52 -23.16
N VAL A 248 19.93 6.89 -23.04
CA VAL A 248 20.78 7.06 -24.21
C VAL A 248 21.55 5.78 -24.49
N VAL A 249 21.17 5.07 -25.55
CA VAL A 249 21.75 3.77 -25.84
C VAL A 249 22.55 3.74 -27.14
N PRO A 250 23.69 3.04 -27.12
CA PRO A 250 24.53 2.82 -28.31
C PRO A 250 23.76 2.12 -29.43
N SER A 251 23.98 2.55 -30.66
CA SER A 251 23.26 1.98 -31.81
C SER A 251 23.50 0.48 -31.94
N GLY A 252 22.43 -0.25 -32.27
CA GLY A 252 22.51 -1.69 -32.45
C GLY A 252 22.18 -2.47 -31.19
N GLN A 253 22.34 -1.82 -30.04
CA GLN A 253 22.10 -2.46 -28.75
C GLN A 253 20.74 -2.06 -28.18
N GLU A 254 19.78 -1.81 -29.06
CA GLU A 254 18.45 -1.38 -28.63
C GLU A 254 17.69 -2.48 -27.88
N GLN A 255 17.72 -3.69 -28.42
CA GLN A 255 16.93 -4.79 -27.86
C GLN A 255 17.42 -5.19 -26.45
N ARG A 256 18.60 -4.72 -26.08
CA ARG A 256 19.14 -4.99 -24.75
C ARG A 256 18.34 -4.26 -23.67
N TYR A 257 17.52 -3.30 -24.09
CA TYR A 257 16.82 -2.43 -23.15
C TYR A 257 15.32 -2.72 -23.07
N THR A 258 14.79 -2.68 -21.86
CA THR A 258 13.36 -2.88 -21.64
C THR A 258 12.80 -1.84 -20.67
N CYS A 259 11.65 -1.27 -21.02
CA CYS A 259 10.99 -0.31 -20.15
C CYS A 259 9.96 -1.02 -19.28
N HIS A 260 9.87 -0.62 -18.02
CA HIS A 260 8.95 -1.25 -17.08
C HIS A 260 8.01 -0.22 -16.45
N VAL A 261 6.71 -0.37 -16.72
CA VAL A 261 5.72 0.57 -16.25
C VAL A 261 4.81 -0.06 -15.20
N GLN A 262 4.63 0.61 -14.06
CA GLN A 262 3.68 0.15 -13.07
C GLN A 262 2.75 1.26 -12.61
N HIS A 263 1.47 0.94 -12.52
CA HIS A 263 0.45 1.88 -12.12
C HIS A 263 -0.74 1.08 -11.58
N GLU A 264 -1.38 1.58 -10.52
CA GLU A 264 -2.47 0.84 -9.90
C GLU A 264 -3.65 0.59 -10.82
N GLY A 265 -3.61 1.18 -12.02
CA GLY A 265 -4.64 0.94 -13.02
C GLY A 265 -4.34 -0.32 -13.83
N LEU A 266 -3.12 -0.83 -13.68
CA LEU A 266 -2.69 -2.02 -14.40
C LEU A 266 -2.82 -3.27 -13.54
N PRO A 267 -3.42 -4.33 -14.10
CA PRO A 267 -3.50 -5.62 -13.41
C PRO A 267 -2.11 -6.08 -12.98
N LYS A 268 -1.13 -5.92 -13.86
CA LYS A 268 0.27 -6.18 -13.53
C LYS A 268 1.17 -5.30 -14.37
N PRO A 269 2.45 -5.19 -13.97
CA PRO A 269 3.39 -4.31 -14.70
C PRO A 269 3.51 -4.65 -16.18
N LEU A 270 3.84 -3.63 -16.97
CA LEU A 270 4.04 -3.79 -18.40
C LEU A 270 5.53 -3.76 -18.72
N THR A 271 5.92 -4.50 -19.76
CA THR A 271 7.30 -4.49 -20.21
C THR A 271 7.35 -4.15 -21.70
N LEU A 272 7.94 -3.01 -22.02
CA LEU A 272 8.04 -2.55 -23.39
C LEU A 272 9.46 -2.68 -23.91
N ARG A 273 9.58 -3.16 -25.14
CA ARG A 273 10.87 -3.23 -25.82
C ARG A 273 10.73 -2.57 -27.18
N TRP A 274 11.82 -2.01 -27.69
CA TRP A 274 11.80 -1.41 -29.03
C TRP A 274 11.91 -2.48 -30.10
N GLU A 275 10.76 -2.98 -30.54
CA GLU A 275 10.70 -4.00 -31.58
C GLU A 275 9.26 -4.45 -31.81
N MET B 1 15.04 33.30 2.25
CA MET B 1 14.50 33.08 0.91
C MET B 1 15.40 32.18 0.06
N ILE B 2 14.84 31.09 -0.44
CA ILE B 2 15.54 30.25 -1.41
C ILE B 2 14.91 30.43 -2.79
N GLN B 3 15.41 31.41 -3.53
CA GLN B 3 14.88 31.71 -4.86
C GLN B 3 14.96 30.50 -5.79
N ARG B 4 13.80 30.02 -6.21
CA ARG B 4 13.74 28.81 -7.01
C ARG B 4 13.39 29.09 -8.46
N THR B 5 14.23 28.59 -9.37
CA THR B 5 14.02 28.77 -10.79
C THR B 5 13.01 27.77 -11.35
N PRO B 6 12.06 28.25 -12.17
CA PRO B 6 10.98 27.44 -12.75
C PRO B 6 11.47 26.36 -13.71
N LYS B 7 10.96 25.15 -13.54
CA LYS B 7 11.14 24.08 -14.52
C LYS B 7 10.09 24.27 -15.62
N ILE B 8 10.42 23.82 -16.82
CA ILE B 8 9.52 24.05 -17.95
C ILE B 8 9.30 22.81 -18.81
N GLN B 9 8.03 22.48 -19.03
CA GLN B 9 7.67 21.43 -19.99
C GLN B 9 6.66 21.93 -21.01
N VAL B 10 7.00 21.79 -22.29
CA VAL B 10 6.10 22.18 -23.36
C VAL B 10 5.61 20.93 -24.07
N TYR B 11 4.29 20.76 -24.11
CA TYR B 11 3.71 19.56 -24.67
C TYR B 11 2.25 19.75 -25.06
N SER B 12 1.66 18.74 -25.67
CA SER B 12 0.25 18.79 -26.05
C SER B 12 -0.57 17.89 -25.15
N ARG B 13 -1.87 18.17 -25.07
CA ARG B 13 -2.77 17.37 -24.24
C ARG B 13 -2.89 15.96 -24.78
N HIS B 14 -3.21 15.84 -26.06
CA HIS B 14 -3.31 14.54 -26.71
C HIS B 14 -2.12 14.36 -27.64
N PRO B 15 -1.83 13.10 -28.03
CA PRO B 15 -0.75 12.89 -29.02
C PRO B 15 -0.98 13.78 -30.23
N ALA B 16 0.07 14.48 -30.66
CA ALA B 16 -0.04 15.43 -31.76
C ALA B 16 -0.38 14.73 -33.08
N GLU B 17 -1.41 15.23 -33.74
CA GLU B 17 -1.85 14.66 -35.01
C GLU B 17 -2.26 15.78 -35.96
N ASN B 18 -1.45 16.03 -36.97
CA ASN B 18 -1.69 17.11 -37.93
C ASN B 18 -3.14 17.16 -38.42
N GLY B 19 -3.82 18.25 -38.12
CA GLY B 19 -5.20 18.42 -38.52
C GLY B 19 -6.15 18.40 -37.33
N LYS B 20 -5.94 17.45 -36.42
CA LYS B 20 -6.78 17.33 -35.24
C LYS B 20 -6.45 18.42 -34.22
N SER B 21 -7.45 19.23 -33.89
CA SER B 21 -7.28 20.27 -32.89
C SER B 21 -6.86 19.63 -31.58
N ASN B 22 -6.01 20.32 -30.84
CA ASN B 22 -5.45 19.78 -29.62
C ASN B 22 -5.39 20.89 -28.58
N PHE B 23 -4.57 20.69 -27.56
CA PHE B 23 -4.30 21.74 -26.59
C PHE B 23 -2.80 21.83 -26.36
N LEU B 24 -2.25 23.01 -26.57
CA LEU B 24 -0.84 23.25 -26.29
C LEU B 24 -0.67 23.59 -24.82
N ASN B 25 0.18 22.82 -24.14
CA ASN B 25 0.45 23.02 -22.71
C ASN B 25 1.84 23.55 -22.43
N CYS B 26 1.94 24.38 -21.40
CA CYS B 26 3.22 24.76 -20.85
C CYS B 26 3.14 24.65 -19.33
N TYR B 27 3.92 23.75 -18.76
CA TYR B 27 3.82 23.45 -17.34
C TYR B 27 5.04 23.94 -16.56
N VAL B 28 4.88 25.08 -15.88
CA VAL B 28 5.95 25.65 -15.07
C VAL B 28 5.83 25.20 -13.62
N SER B 29 6.97 24.90 -12.99
CA SER B 29 6.95 24.34 -11.63
C SER B 29 8.25 24.54 -10.86
N GLY B 30 8.20 24.29 -9.56
CA GLY B 30 9.37 24.36 -8.71
C GLY B 30 9.94 25.77 -8.56
N PHE B 31 9.12 26.77 -8.82
CA PHE B 31 9.57 28.16 -8.76
C PHE B 31 9.05 28.91 -7.54
N HIS B 32 9.67 30.07 -7.27
CA HIS B 32 9.33 30.88 -6.11
C HIS B 32 10.09 32.20 -6.21
N PRO B 33 9.39 33.34 -6.01
CA PRO B 33 7.97 33.44 -5.64
C PRO B 33 7.01 33.16 -6.81
N SER B 34 5.72 33.46 -6.61
CA SER B 34 4.67 33.02 -7.52
C SER B 34 4.47 33.92 -8.74
N ASP B 35 5.00 35.13 -8.70
CA ASP B 35 4.92 36.01 -9.86
C ASP B 35 5.67 35.39 -11.03
N ILE B 36 5.01 35.26 -12.17
CA ILE B 36 5.62 34.61 -13.33
C ILE B 36 4.93 34.98 -14.64
N GLU B 37 5.74 35.13 -15.69
CA GLU B 37 5.24 35.40 -17.03
C GLU B 37 5.37 34.16 -17.90
N VAL B 38 4.25 33.71 -18.45
CA VAL B 38 4.26 32.53 -19.31
C VAL B 38 3.44 32.79 -20.57
N ASP B 39 4.09 32.72 -21.73
CA ASP B 39 3.42 32.93 -23.00
C ASP B 39 3.60 31.73 -23.92
N LEU B 40 2.63 31.51 -24.80
CA LEU B 40 2.77 30.52 -25.86
C LEU B 40 2.99 31.25 -27.18
N LEU B 41 4.04 30.85 -27.91
CA LEU B 41 4.38 31.50 -29.16
C LEU B 41 3.98 30.65 -30.36
N LYS B 42 3.53 31.31 -31.42
CA LYS B 42 3.24 30.63 -32.68
C LYS B 42 4.05 31.25 -33.81
N ASN B 43 5.11 30.58 -34.19
CA ASN B 43 5.95 31.06 -35.24
C ASN B 43 6.59 32.36 -34.86
N GLY B 44 6.69 32.58 -33.56
CA GLY B 44 7.38 33.71 -33.03
C GLY B 44 6.62 34.87 -32.47
N GLU B 45 5.32 34.76 -32.42
CA GLU B 45 4.49 35.87 -32.00
C GLU B 45 3.69 35.21 -30.92
N ARG B 46 3.27 35.96 -29.90
CA ARG B 46 2.57 35.27 -28.82
C ARG B 46 1.10 35.04 -29.18
N ILE B 47 0.51 34.01 -28.57
CA ILE B 47 -0.88 33.66 -28.81
C ILE B 47 -1.80 34.46 -27.87
N GLU B 48 -2.98 34.79 -28.36
CA GLU B 48 -3.85 35.76 -27.68
C GLU B 48 -4.52 35.23 -26.40
N LYS B 49 -5.46 34.30 -26.54
CA LYS B 49 -6.17 33.78 -25.37
C LYS B 49 -5.48 32.56 -24.78
N VAL B 50 -4.76 32.77 -23.68
CA VAL B 50 -4.07 31.69 -22.99
C VAL B 50 -4.58 31.56 -21.56
N GLU B 51 -5.22 30.42 -21.28
CA GLU B 51 -5.74 30.16 -19.95
C GLU B 51 -4.74 29.36 -19.11
N HIS B 52 -4.88 29.45 -17.79
CA HIS B 52 -3.99 28.73 -16.87
C HIS B 52 -4.76 28.20 -15.68
N SER B 53 -4.19 27.21 -15.02
CA SER B 53 -4.82 26.62 -13.83
C SER B 53 -4.67 27.55 -12.65
N ASP B 54 -5.35 27.25 -11.56
CA ASP B 54 -5.20 28.08 -10.36
C ASP B 54 -3.90 27.76 -9.63
N LEU B 55 -3.36 28.75 -8.94
CA LEU B 55 -2.05 28.63 -8.32
C LEU B 55 -2.05 27.64 -7.16
N SER B 56 -1.00 26.85 -7.07
CA SER B 56 -0.85 25.84 -6.03
C SER B 56 0.63 25.52 -5.86
N PHE B 57 0.98 24.83 -4.77
CA PHE B 57 2.38 24.55 -4.49
C PHE B 57 2.67 23.12 -4.05
N SER B 58 3.95 22.78 -4.02
CA SER B 58 4.41 21.45 -3.64
C SER B 58 4.80 21.40 -2.17
N LYS B 59 5.28 20.23 -1.74
CA LYS B 59 5.67 20.04 -0.34
C LYS B 59 6.76 21.01 0.09
N ASP B 60 7.66 21.35 -0.84
CA ASP B 60 8.78 22.23 -0.54
C ASP B 60 8.39 23.71 -0.64
N TRP B 61 7.12 23.96 -0.91
CA TRP B 61 6.57 25.32 -1.01
C TRP B 61 6.75 25.95 -2.39
N SER B 62 7.32 25.19 -3.33
CA SER B 62 7.49 25.70 -4.69
C SER B 62 6.16 25.68 -5.44
N PHE B 63 5.99 26.61 -6.37
CA PHE B 63 4.72 26.74 -7.09
C PHE B 63 4.72 26.00 -8.43
N TYR B 64 3.51 25.70 -8.92
CA TYR B 64 3.36 25.11 -10.24
C TYR B 64 2.08 25.59 -10.93
N LEU B 65 2.19 25.86 -12.23
CA LEU B 65 1.07 26.38 -13.02
C LEU B 65 1.02 25.75 -14.39
N LEU B 66 -0.19 25.47 -14.87
CA LEU B 66 -0.38 24.95 -16.21
C LEU B 66 -1.03 26.00 -17.13
N TYR B 67 -0.31 26.41 -18.17
CA TYR B 67 -0.88 27.29 -19.18
C TYR B 67 -1.26 26.48 -20.42
N TYR B 68 -2.35 26.87 -21.08
CA TYR B 68 -2.86 26.10 -22.20
C TYR B 68 -3.69 26.94 -23.16
N THR B 69 -3.80 26.44 -24.39
CA THR B 69 -4.58 27.11 -25.43
C THR B 69 -4.88 26.13 -26.56
N GLU B 70 -6.05 26.27 -27.15
CA GLU B 70 -6.44 25.41 -28.27
C GLU B 70 -5.52 25.67 -29.45
N PHE B 71 -5.13 24.62 -30.14
CA PHE B 71 -4.28 24.78 -31.32
C PHE B 71 -4.36 23.54 -32.20
N THR B 72 -4.24 23.73 -33.50
CA THR B 72 -4.25 22.62 -34.44
C THR B 72 -2.85 22.40 -35.00
N PRO B 73 -2.16 21.36 -34.50
CA PRO B 73 -0.79 21.03 -34.89
C PRO B 73 -0.64 20.88 -36.40
N THR B 74 0.38 21.51 -36.96
CA THR B 74 0.71 21.34 -38.37
C THR B 74 2.20 21.54 -38.57
N GLU B 75 2.79 20.78 -39.46
CA GLU B 75 4.09 21.16 -40.00
C GLU B 75 3.77 22.08 -41.17
N LYS B 76 4.53 23.17 -41.31
CA LYS B 76 5.72 23.41 -40.52
C LYS B 76 5.52 24.50 -39.45
N ASP B 77 4.32 24.59 -38.89
CA ASP B 77 4.04 25.54 -37.82
C ASP B 77 4.84 25.22 -36.57
N GLU B 78 5.52 26.23 -36.03
CA GLU B 78 6.37 26.04 -34.86
C GLU B 78 5.84 26.77 -33.63
N TYR B 79 5.78 26.05 -32.51
CA TYR B 79 5.34 26.62 -31.26
C TYR B 79 6.44 26.53 -30.20
N ALA B 80 6.36 27.41 -29.21
CA ALA B 80 7.31 27.41 -28.10
C ALA B 80 6.67 28.05 -26.88
N CYS B 81 7.29 27.86 -25.72
CA CYS B 81 6.82 28.52 -24.50
C CYS B 81 7.83 29.55 -24.02
N ARG B 82 7.38 30.79 -23.84
CA ARG B 82 8.22 31.85 -23.31
C ARG B 82 7.95 32.05 -21.82
N VAL B 83 8.98 31.90 -21.00
CA VAL B 83 8.83 32.01 -19.56
C VAL B 83 9.77 33.05 -18.95
N ASN B 84 9.18 34.08 -18.35
CA ASN B 84 9.97 35.10 -17.66
C ASN B 84 9.72 35.07 -16.16
N HIS B 85 10.80 35.04 -15.39
CA HIS B 85 10.71 34.97 -13.94
C HIS B 85 11.85 35.73 -13.29
N VAL B 86 11.72 36.01 -11.99
CA VAL B 86 12.71 36.82 -11.29
C VAL B 86 14.07 36.14 -11.21
N THR B 87 14.08 34.82 -11.06
CA THR B 87 15.33 34.06 -10.93
C THR B 87 16.04 33.90 -12.26
N LEU B 88 15.44 34.42 -13.32
CA LEU B 88 16.00 34.28 -14.65
C LEU B 88 16.72 35.54 -15.11
N SER B 89 17.94 35.37 -15.61
CA SER B 89 18.70 36.49 -16.16
C SER B 89 17.92 37.09 -17.34
N GLN B 90 17.36 36.21 -18.16
CA GLN B 90 16.56 36.61 -19.31
C GLN B 90 15.49 35.57 -19.58
N PRO B 91 14.43 35.95 -20.31
CA PRO B 91 13.34 35.01 -20.58
C PRO B 91 13.85 33.73 -21.22
N LYS B 92 13.39 32.59 -20.71
CA LYS B 92 13.79 31.30 -21.27
C LYS B 92 12.75 30.82 -22.26
N ILE B 93 13.20 30.40 -23.43
CA ILE B 93 12.29 29.90 -24.45
C ILE B 93 12.54 28.42 -24.71
N VAL B 94 11.47 27.64 -24.60
CA VAL B 94 11.55 26.21 -24.90
C VAL B 94 10.67 25.89 -26.10
N LYS B 95 11.29 25.39 -27.16
CA LYS B 95 10.57 25.00 -28.37
C LYS B 95 9.67 23.80 -28.10
N TRP B 96 8.45 23.83 -28.63
CA TRP B 96 7.58 22.67 -28.51
C TRP B 96 8.10 21.53 -29.36
N ASP B 97 8.10 20.33 -28.78
CA ASP B 97 8.57 19.16 -29.49
C ASP B 97 7.57 18.01 -29.40
N ARG B 98 6.75 17.86 -30.43
CA ARG B 98 5.86 16.72 -30.54
C ARG B 98 6.73 15.48 -30.61
N ASP B 99 7.94 15.67 -31.12
CA ASP B 99 8.92 14.61 -31.36
C ASP B 99 9.17 13.77 -30.12
N MET B 100 9.26 14.43 -28.97
CA MET B 100 9.53 13.73 -27.71
C MET B 100 8.79 12.39 -27.67
N THR C 1 -14.78 20.88 2.65
CA THR C 1 -15.05 22.15 3.30
C THR C 1 -13.84 22.65 4.08
N LEU C 2 -13.65 23.96 4.09
CA LEU C 2 -12.56 24.56 4.86
C LEU C 2 -12.81 24.38 6.35
N ALA C 3 -11.78 24.64 7.15
CA ALA C 3 -11.95 24.70 8.59
C ALA C 3 -13.02 25.73 8.94
N CYS C 4 -13.82 25.43 9.95
CA CYS C 4 -14.96 26.26 10.34
C CYS C 4 -14.58 27.42 11.26
N PHE C 5 -13.73 27.14 12.24
CA PHE C 5 -13.39 28.13 13.25
C PHE C 5 -12.53 29.27 12.67
N VAL C 6 -12.42 30.35 13.43
CA VAL C 6 -11.53 31.44 13.05
C VAL C 6 -10.10 31.03 13.34
N LEU C 7 -9.18 31.36 12.43
CA LEU C 7 -7.79 30.96 12.57
C LEU C 7 -7.00 32.01 13.36
N ALA C 8 -6.31 31.57 14.39
CA ALA C 8 -5.48 32.47 15.18
C ALA C 8 -4.44 33.14 14.28
N ALA C 9 -4.19 34.42 14.53
CA ALA C 9 -3.15 35.14 13.80
C ALA C 9 -1.78 34.73 14.35
N VAL C 10 -0.73 34.92 13.54
CA VAL C 10 0.61 34.59 13.97
C VAL C 10 1.14 35.66 14.91
N GLY D 1 -0.71 -5.67 -6.97
CA GLY D 1 -0.15 -5.38 -5.67
C GLY D 1 1.14 -6.14 -5.43
N SER D 2 1.59 -6.17 -4.18
CA SER D 2 2.81 -6.87 -3.82
C SER D 2 2.57 -8.36 -3.63
N HIS D 3 3.61 -9.16 -3.85
CA HIS D 3 3.53 -10.60 -3.66
C HIS D 3 4.72 -11.11 -2.88
N SER D 4 4.70 -12.40 -2.55
CA SER D 4 5.77 -13.00 -1.77
C SER D 4 5.83 -14.49 -1.98
N MET D 5 7.04 -15.04 -1.87
CA MET D 5 7.23 -16.49 -1.82
C MET D 5 7.91 -16.85 -0.51
N ARG D 6 7.39 -17.88 0.15
CA ARG D 6 7.93 -18.29 1.45
C ARG D 6 8.04 -19.80 1.56
N TYR D 7 9.15 -20.26 2.11
CA TYR D 7 9.30 -21.66 2.43
C TYR D 7 9.33 -21.85 3.95
N PHE D 8 8.61 -22.86 4.42
CA PHE D 8 8.55 -23.14 5.85
C PHE D 8 9.07 -24.54 6.14
N PHE D 9 10.10 -24.62 6.96
CA PHE D 9 10.72 -25.90 7.27
C PHE D 9 10.54 -26.28 8.73
N THR D 10 10.11 -27.51 8.96
CA THR D 10 9.95 -28.03 10.31
C THR D 10 10.74 -29.33 10.45
N SER D 11 11.59 -29.38 11.45
CA SER D 11 12.39 -30.56 11.72
C SER D 11 12.19 -30.99 13.18
N VAL D 12 11.69 -32.21 13.38
CA VAL D 12 11.39 -32.70 14.72
C VAL D 12 12.18 -33.98 15.03
N SER D 13 12.91 -33.96 16.15
CA SER D 13 13.71 -35.13 16.54
C SER D 13 12.84 -36.21 17.16
N ARG D 14 13.23 -37.47 16.94
CA ARG D 14 12.49 -38.61 17.49
C ARG D 14 13.43 -39.63 18.11
N PRO D 15 13.89 -39.35 19.34
CA PRO D 15 14.81 -40.22 20.07
C PRO D 15 14.26 -41.64 20.20
N GLY D 16 15.00 -42.61 19.67
CA GLY D 16 14.61 -44.01 19.75
C GLY D 16 13.70 -44.44 18.62
N ARG D 17 13.06 -43.47 17.97
CA ARG D 17 12.17 -43.75 16.85
C ARG D 17 12.89 -43.59 15.52
N GLY D 18 14.20 -43.40 15.57
CA GLY D 18 15.02 -43.35 14.37
C GLY D 18 15.35 -41.95 13.89
N GLU D 19 15.16 -41.74 12.58
CA GLU D 19 15.46 -40.45 11.96
C GLU D 19 14.47 -39.37 12.34
N PRO D 20 14.94 -38.13 12.44
CA PRO D 20 14.08 -36.98 12.71
C PRO D 20 13.10 -36.77 11.57
N ARG D 21 11.89 -36.33 11.90
CA ARG D 21 10.88 -36.02 10.91
C ARG D 21 11.20 -34.67 10.26
N PHE D 22 11.16 -34.62 8.94
CA PHE D 22 11.41 -33.36 8.24
C PHE D 22 10.28 -33.00 7.29
N ILE D 23 9.73 -31.81 7.45
CA ILE D 23 8.62 -31.35 6.61
C ILE D 23 8.89 -29.98 6.03
N ALA D 24 8.60 -29.83 4.74
CA ALA D 24 8.78 -28.55 4.06
C ALA D 24 7.55 -28.21 3.24
N VAL D 25 7.16 -26.93 3.26
CA VAL D 25 6.06 -26.47 2.43
C VAL D 25 6.44 -25.16 1.74
N GLY D 26 5.86 -24.93 0.56
CA GLY D 26 6.13 -23.74 -0.21
C GLY D 26 4.86 -22.96 -0.49
N TYR D 27 4.94 -21.64 -0.28
CA TYR D 27 3.80 -20.76 -0.46
C TYR D 27 4.14 -19.60 -1.37
N VAL D 28 3.24 -19.29 -2.30
CA VAL D 28 3.27 -18.01 -2.98
C VAL D 28 2.06 -17.24 -2.48
N ASP D 29 2.30 -16.08 -1.88
CA ASP D 29 1.25 -15.37 -1.15
C ASP D 29 0.57 -16.35 -0.20
N ASP D 30 -0.74 -16.51 -0.33
CA ASP D 30 -1.49 -17.38 0.56
C ASP D 30 -1.89 -18.68 -0.13
N THR D 31 -1.06 -19.12 -1.07
CA THR D 31 -1.35 -20.32 -1.84
C THR D 31 -0.16 -21.30 -1.84
N GLN D 32 -0.36 -22.44 -1.20
CA GLN D 32 0.67 -23.48 -1.16
C GLN D 32 0.85 -24.10 -2.54
N PHE D 33 2.07 -24.53 -2.86
CA PHE D 33 2.31 -25.16 -4.16
C PHE D 33 3.26 -26.36 -4.11
N VAL D 34 4.03 -26.50 -3.04
CA VAL D 34 4.90 -27.66 -2.90
C VAL D 34 4.92 -28.20 -1.48
N ARG D 35 5.45 -29.41 -1.33
CA ARG D 35 5.56 -30.02 -0.01
C ARG D 35 6.57 -31.15 -0.02
N PHE D 36 7.15 -31.42 1.14
CA PHE D 36 8.03 -32.56 1.32
C PHE D 36 7.81 -33.16 2.69
N ASP D 37 7.90 -34.49 2.78
CA ASP D 37 7.71 -35.18 4.04
C ASP D 37 8.58 -36.44 4.10
N SER D 38 9.55 -36.42 5.01
CA SER D 38 10.50 -37.52 5.13
C SER D 38 9.82 -38.85 5.42
N ASP D 39 8.60 -38.79 5.94
CA ASP D 39 7.86 -40.00 6.28
C ASP D 39 7.01 -40.52 5.12
N ALA D 40 6.88 -39.70 4.07
CA ALA D 40 6.17 -40.12 2.87
C ALA D 40 6.99 -41.15 2.12
N ALA D 41 6.34 -41.89 1.21
CA ALA D 41 7.01 -42.96 0.49
C ALA D 41 7.81 -42.48 -0.72
N SER D 42 7.37 -41.38 -1.32
CA SER D 42 7.99 -40.87 -2.54
C SER D 42 9.41 -40.33 -2.30
N GLN D 43 9.63 -39.74 -1.14
CA GLN D 43 10.90 -39.10 -0.82
C GLN D 43 11.22 -37.99 -1.82
N ARG D 44 10.19 -37.34 -2.32
CA ARG D 44 10.39 -36.28 -3.31
C ARG D 44 9.55 -35.06 -2.99
N MET D 45 9.96 -33.91 -3.53
CA MET D 45 9.14 -32.72 -3.47
C MET D 45 7.90 -33.00 -4.31
N GLU D 46 6.73 -32.66 -3.79
CA GLU D 46 5.48 -32.98 -4.48
C GLU D 46 4.61 -31.73 -4.71
N PRO D 47 3.94 -31.69 -5.87
CA PRO D 47 3.10 -30.55 -6.26
C PRO D 47 1.85 -30.46 -5.39
N ARG D 48 1.48 -29.25 -5.01
CA ARG D 48 0.30 -29.02 -4.18
C ARG D 48 -0.55 -27.89 -4.76
N ALA D 49 -0.28 -27.56 -6.01
CA ALA D 49 -1.12 -26.63 -6.76
C ALA D 49 -1.12 -27.03 -8.23
N PRO D 50 -2.28 -26.94 -8.88
CA PRO D 50 -2.41 -27.35 -10.28
C PRO D 50 -1.38 -26.66 -11.18
N TRP D 51 -1.07 -25.40 -10.91
CA TRP D 51 -0.22 -24.62 -11.79
C TRP D 51 1.28 -24.92 -11.67
N ILE D 52 1.65 -25.78 -10.72
CA ILE D 52 3.05 -26.16 -10.56
C ILE D 52 3.33 -27.53 -11.16
N GLU D 53 2.27 -28.23 -11.55
CA GLU D 53 2.40 -29.55 -12.15
C GLU D 53 3.09 -29.50 -13.52
N GLN D 54 2.98 -28.34 -14.19
CA GLN D 54 3.58 -28.16 -15.50
C GLN D 54 5.10 -28.18 -15.44
N GLU D 55 5.65 -28.15 -14.22
CA GLU D 55 7.10 -28.19 -14.03
C GLU D 55 7.66 -29.57 -14.36
N GLY D 56 8.78 -29.57 -15.09
CA GLY D 56 9.35 -30.81 -15.60
C GLY D 56 10.29 -31.54 -14.66
N PRO D 57 10.72 -32.74 -15.07
CA PRO D 57 11.58 -33.62 -14.28
C PRO D 57 12.78 -32.88 -13.71
N GLU D 58 13.33 -31.95 -14.47
CA GLU D 58 14.47 -31.17 -13.98
C GLU D 58 14.08 -30.42 -12.71
N TYR D 59 12.93 -29.76 -12.75
CA TYR D 59 12.46 -28.96 -11.63
C TYR D 59 12.32 -29.82 -10.38
N TRP D 60 11.55 -30.89 -10.49
CA TRP D 60 11.29 -31.77 -9.36
C TRP D 60 12.54 -32.46 -8.81
N ASP D 61 13.38 -32.96 -9.71
CA ASP D 61 14.63 -33.60 -9.29
C ASP D 61 15.48 -32.60 -8.50
N GLY D 62 15.67 -31.42 -9.08
CA GLY D 62 16.43 -30.37 -8.42
C GLY D 62 15.87 -30.03 -7.05
N GLU D 63 14.55 -29.82 -6.99
CA GLU D 63 13.90 -29.45 -5.73
C GLU D 63 13.97 -30.57 -4.70
N THR D 64 13.99 -31.81 -5.18
CA THR D 64 14.13 -32.96 -4.29
C THR D 64 15.53 -33.00 -3.71
N ARG D 65 16.54 -32.75 -4.55
CA ARG D 65 17.91 -32.70 -4.09
C ARG D 65 18.07 -31.65 -2.99
N LYS D 66 17.68 -30.41 -3.32
CA LYS D 66 17.83 -29.30 -2.40
C LYS D 66 17.09 -29.50 -1.09
N VAL D 67 15.88 -30.05 -1.15
CA VAL D 67 15.09 -30.27 0.06
C VAL D 67 15.74 -31.36 0.93
N LYS D 68 16.32 -32.37 0.29
CA LYS D 68 17.07 -33.39 1.01
C LYS D 68 18.31 -32.78 1.65
N ALA D 69 18.95 -31.87 0.92
CA ALA D 69 20.11 -31.15 1.43
C ALA D 69 19.71 -30.35 2.67
N HIS D 70 18.61 -29.61 2.57
CA HIS D 70 18.07 -28.87 3.71
C HIS D 70 17.89 -29.83 4.87
N SER D 71 17.16 -30.91 4.62
CA SER D 71 16.90 -31.91 5.65
C SER D 71 18.18 -32.28 6.39
N GLN D 72 19.26 -32.46 5.64
CA GLN D 72 20.54 -32.84 6.22
C GLN D 72 21.06 -31.84 7.23
N THR D 73 21.05 -30.57 6.86
CA THR D 73 21.55 -29.51 7.73
C THR D 73 20.77 -29.50 9.03
N HIS D 74 19.46 -29.73 8.94
CA HIS D 74 18.63 -29.74 10.14
C HIS D 74 18.96 -30.94 11.04
N ARG D 75 19.24 -32.08 10.44
CA ARG D 75 19.65 -33.25 11.20
C ARG D 75 20.87 -32.92 12.05
N VAL D 76 21.81 -32.20 11.46
CA VAL D 76 23.02 -31.79 12.17
C VAL D 76 22.72 -30.75 13.24
N ASP D 77 21.94 -29.74 12.88
CA ASP D 77 21.61 -28.65 13.80
C ASP D 77 21.01 -29.16 15.09
N LEU D 78 20.12 -30.15 14.97
CA LEU D 78 19.42 -30.70 16.12
C LEU D 78 20.39 -31.13 17.22
N GLY D 79 21.40 -31.91 16.85
CA GLY D 79 22.40 -32.37 17.78
C GLY D 79 23.23 -31.21 18.33
N THR D 80 23.70 -30.38 17.42
CA THR D 80 24.46 -29.20 17.79
C THR D 80 23.73 -28.39 18.86
N LEU D 81 22.48 -28.04 18.56
CA LEU D 81 21.69 -27.18 19.43
C LEU D 81 21.53 -27.69 20.85
N ARG D 82 21.21 -28.97 21.00
CA ARG D 82 21.02 -29.53 22.32
C ARG D 82 22.37 -29.62 23.04
N GLY D 83 23.43 -29.44 22.28
CA GLY D 83 24.77 -29.29 22.85
C GLY D 83 24.97 -27.88 23.35
N TYR D 84 24.51 -26.90 22.57
CA TYR D 84 24.59 -25.51 22.97
C TYR D 84 23.79 -25.26 24.24
N TYR D 85 22.69 -26.00 24.40
CA TYR D 85 21.78 -25.78 25.52
C TYR D 85 21.90 -26.87 26.58
N ASN D 86 23.05 -27.54 26.60
CA ASN D 86 23.31 -28.59 27.59
C ASN D 86 22.07 -29.43 27.88
N GLN D 87 21.56 -30.08 26.84
CA GLN D 87 20.38 -30.92 26.96
C GLN D 87 20.74 -32.36 26.63
N SER D 88 20.07 -33.31 27.27
CA SER D 88 20.26 -34.72 26.99
C SER D 88 19.55 -35.08 25.69
N GLU D 89 19.74 -36.31 25.22
CA GLU D 89 19.06 -36.77 24.02
C GLU D 89 17.81 -37.59 24.39
N ALA D 90 17.21 -37.26 25.53
CA ALA D 90 16.06 -38.00 26.03
C ALA D 90 14.75 -37.40 25.52
N GLY D 91 14.75 -36.10 25.31
CA GLY D 91 13.55 -35.39 24.89
C GLY D 91 13.45 -35.20 23.40
N SER D 92 12.31 -34.68 22.97
CA SER D 92 12.09 -34.36 21.56
C SER D 92 12.24 -32.86 21.36
N HIS D 93 12.97 -32.47 20.33
CA HIS D 93 13.19 -31.05 20.06
C HIS D 93 12.79 -30.69 18.64
N THR D 94 12.58 -29.39 18.41
CA THR D 94 12.07 -28.94 17.12
C THR D 94 12.86 -27.74 16.58
N VAL D 95 13.23 -27.83 15.31
CA VAL D 95 13.90 -26.73 14.62
C VAL D 95 12.97 -26.20 13.53
N GLN D 96 12.83 -24.88 13.48
CA GLN D 96 11.97 -24.25 12.49
C GLN D 96 12.69 -23.17 11.69
N ARG D 97 12.66 -23.30 10.36
CA ARG D 97 13.28 -22.33 9.48
C ARG D 97 12.23 -21.73 8.54
N MET D 98 12.43 -20.48 8.14
CA MET D 98 11.53 -19.80 7.22
C MET D 98 12.29 -18.77 6.41
N TYR D 99 12.22 -18.87 5.08
CA TYR D 99 12.84 -17.86 4.25
C TYR D 99 12.04 -17.62 2.97
N GLY D 100 12.21 -16.43 2.40
CA GLY D 100 11.50 -16.06 1.19
C GLY D 100 11.81 -14.63 0.80
N CYS D 101 11.05 -14.10 -0.14
CA CYS D 101 11.28 -12.76 -0.64
C CYS D 101 9.98 -12.05 -1.01
N ASP D 102 9.98 -10.73 -0.91
CA ASP D 102 8.83 -9.90 -1.28
C ASP D 102 9.16 -9.07 -2.52
N VAL D 103 8.13 -8.83 -3.33
CA VAL D 103 8.24 -7.85 -4.41
C VAL D 103 7.07 -6.87 -4.33
N GLY D 104 7.36 -5.59 -4.58
CA GLY D 104 6.32 -4.58 -4.61
C GLY D 104 5.41 -4.74 -5.81
N SER D 105 4.48 -3.79 -5.97
CA SER D 105 3.55 -3.81 -7.08
C SER D 105 4.26 -3.87 -8.44
N ASP D 106 5.45 -3.29 -8.48
CA ASP D 106 6.26 -3.30 -9.69
C ASP D 106 7.02 -4.62 -9.88
N TRP D 107 6.73 -5.59 -9.02
CA TRP D 107 7.36 -6.91 -9.09
C TRP D 107 8.87 -6.87 -8.94
N ARG D 108 9.41 -5.76 -8.43
CA ARG D 108 10.84 -5.66 -8.17
C ARG D 108 11.14 -5.94 -6.70
N PHE D 109 12.35 -6.43 -6.43
CA PHE D 109 12.72 -6.82 -5.08
C PHE D 109 12.40 -5.73 -4.06
N LEU D 110 11.83 -6.15 -2.94
CA LEU D 110 11.41 -5.22 -1.91
C LEU D 110 12.08 -5.60 -0.58
N ARG D 111 12.14 -6.90 -0.32
CA ARG D 111 12.54 -7.38 1.00
C ARG D 111 12.79 -8.89 0.98
N GLY D 112 13.84 -9.31 1.67
CA GLY D 112 14.12 -10.72 1.87
C GLY D 112 14.19 -11.03 3.36
N TYR D 113 14.25 -12.30 3.72
CA TYR D 113 14.34 -12.69 5.13
C TYR D 113 14.64 -14.17 5.35
N HIS D 114 15.29 -14.46 6.47
CA HIS D 114 15.62 -15.83 6.86
C HIS D 114 15.48 -15.98 8.36
N GLN D 115 14.45 -16.71 8.78
CA GLN D 115 14.09 -16.83 10.19
C GLN D 115 14.48 -18.21 10.71
N TYR D 116 14.98 -18.28 11.93
CA TYR D 116 15.39 -19.57 12.50
C TYR D 116 15.01 -19.68 13.98
N ALA D 117 14.39 -20.80 14.36
CA ALA D 117 13.91 -20.97 15.72
C ALA D 117 14.17 -22.36 16.28
N TYR D 118 14.43 -22.43 17.58
CA TYR D 118 14.63 -23.70 18.27
C TYR D 118 13.57 -23.87 19.36
N ASP D 119 12.91 -25.04 19.36
CA ASP D 119 11.84 -25.33 20.30
C ASP D 119 10.76 -24.24 20.33
N GLY D 120 10.53 -23.62 19.18
CA GLY D 120 9.48 -22.63 19.05
C GLY D 120 9.84 -21.23 19.51
N LYS D 121 11.13 -20.94 19.62
CA LYS D 121 11.57 -19.59 19.97
C LYS D 121 12.68 -19.07 19.07
N ASP D 122 12.61 -17.78 18.76
CA ASP D 122 13.64 -17.14 17.94
C ASP D 122 15.02 -17.59 18.36
N TYR D 123 15.79 -18.08 17.40
CA TYR D 123 17.19 -18.44 17.65
C TYR D 123 18.11 -17.43 16.96
N ILE D 124 17.96 -17.30 15.65
CA ILE D 124 18.75 -16.36 14.89
C ILE D 124 18.03 -15.98 13.59
N ALA D 125 18.23 -14.74 13.14
CA ALA D 125 17.55 -14.26 11.95
C ALA D 125 18.38 -13.25 11.17
N LEU D 126 18.28 -13.31 9.85
CA LEU D 126 18.92 -12.35 8.98
C LEU D 126 18.23 -11.01 9.12
N LYS D 127 19.02 -9.93 9.11
CA LYS D 127 18.45 -8.59 9.21
C LYS D 127 18.00 -8.05 7.86
N GLU D 128 17.38 -6.89 7.88
CA GLU D 128 16.86 -6.23 6.69
C GLU D 128 17.92 -6.04 5.60
N ASP D 129 19.11 -5.63 6.01
CA ASP D 129 20.19 -5.37 5.05
C ASP D 129 20.75 -6.66 4.46
N LEU D 130 20.19 -7.79 4.88
CA LEU D 130 20.63 -9.10 4.41
C LEU D 130 22.15 -9.25 4.51
N ARG D 131 22.74 -8.64 5.53
CA ARG D 131 24.19 -8.63 5.70
C ARG D 131 24.61 -8.76 7.16
N SER D 132 23.65 -8.99 8.04
CA SER D 132 23.92 -9.09 9.48
C SER D 132 22.88 -10.00 10.12
N TRP D 133 23.07 -10.29 11.40
CA TRP D 133 22.18 -11.23 12.08
C TRP D 133 21.70 -10.71 13.43
N THR D 134 20.55 -11.19 13.86
CA THR D 134 20.04 -10.90 15.19
C THR D 134 20.04 -12.18 16.00
N ALA D 135 20.97 -12.28 16.96
CA ALA D 135 21.04 -13.46 17.81
C ALA D 135 20.24 -13.25 19.08
N ALA D 136 19.12 -13.96 19.18
CA ALA D 136 18.19 -13.79 20.29
C ALA D 136 18.88 -13.88 21.66
N ASP D 137 19.44 -15.05 21.96
CA ASP D 137 20.03 -15.27 23.27
C ASP D 137 21.53 -15.48 23.25
N MET D 138 22.09 -15.85 24.40
CA MET D 138 23.53 -16.00 24.54
C MET D 138 24.06 -17.17 23.73
N ALA D 139 23.30 -18.26 23.72
CA ALA D 139 23.73 -19.48 23.03
C ALA D 139 23.83 -19.29 21.52
N ALA D 140 23.02 -18.37 21.00
CA ALA D 140 22.98 -18.16 19.55
C ALA D 140 24.18 -17.33 19.08
N GLN D 141 24.84 -16.67 20.01
CA GLN D 141 26.00 -15.84 19.70
C GLN D 141 27.08 -16.66 19.00
N THR D 142 27.23 -17.91 19.41
CA THR D 142 28.21 -18.81 18.82
C THR D 142 27.95 -18.99 17.34
N THR D 143 26.68 -19.18 16.99
CA THR D 143 26.29 -19.32 15.60
C THR D 143 26.50 -17.99 14.87
N LYS D 144 26.03 -16.91 15.49
CA LYS D 144 26.18 -15.58 14.92
C LYS D 144 27.60 -15.32 14.45
N HIS D 145 28.55 -15.42 15.39
CA HIS D 145 29.95 -15.15 15.08
C HIS D 145 30.46 -16.08 13.99
N LYS D 146 30.09 -17.35 14.10
CA LYS D 146 30.50 -18.34 13.11
C LYS D 146 29.97 -17.96 11.73
N TRP D 147 28.69 -17.63 11.67
CA TRP D 147 28.03 -17.27 10.41
C TRP D 147 28.53 -15.94 9.85
N GLU D 148 29.09 -15.11 10.72
CA GLU D 148 29.65 -13.84 10.30
C GLU D 148 31.02 -14.06 9.68
N ALA D 149 31.89 -14.73 10.42
CA ALA D 149 33.26 -15.00 9.98
C ALA D 149 33.33 -15.84 8.71
N ALA D 150 32.26 -16.57 8.41
CA ALA D 150 32.22 -17.41 7.22
C ALA D 150 31.38 -16.80 6.10
N HIS D 151 30.93 -15.57 6.32
CA HIS D 151 30.15 -14.84 5.31
C HIS D 151 29.01 -15.69 4.77
N VAL D 152 28.21 -16.21 5.68
CA VAL D 152 27.06 -17.02 5.28
C VAL D 152 26.01 -16.18 4.57
N ALA D 153 25.81 -14.96 5.08
CA ALA D 153 24.79 -14.07 4.56
C ALA D 153 24.91 -13.83 3.07
N GLU D 154 26.15 -13.73 2.58
CA GLU D 154 26.38 -13.39 1.17
C GLU D 154 25.63 -14.35 0.26
N GLN D 155 25.68 -15.63 0.62
CA GLN D 155 25.06 -16.67 -0.19
C GLN D 155 23.54 -16.55 -0.15
N LEU D 156 23.00 -16.18 1.01
CA LEU D 156 21.57 -15.97 1.15
C LEU D 156 21.12 -14.75 0.37
N ARG D 157 21.86 -13.65 0.50
CA ARG D 157 21.48 -12.40 -0.14
C ARG D 157 21.28 -12.60 -1.64
N ALA D 158 22.22 -13.27 -2.29
CA ALA D 158 22.15 -13.51 -3.73
C ALA D 158 20.88 -14.25 -4.08
N TYR D 159 20.48 -15.19 -3.22
CA TYR D 159 19.28 -15.97 -3.47
C TYR D 159 18.02 -15.12 -3.31
N LEU D 160 17.90 -14.48 -2.15
CA LEU D 160 16.75 -13.63 -1.87
C LEU D 160 16.62 -12.48 -2.86
N GLU D 161 17.75 -11.93 -3.29
CA GLU D 161 17.74 -10.77 -4.18
C GLU D 161 17.55 -11.15 -5.64
N GLY D 162 17.97 -12.34 -6.02
CA GLY D 162 17.93 -12.75 -7.41
C GLY D 162 17.01 -13.92 -7.70
N THR D 163 17.53 -15.14 -7.51
CA THR D 163 16.79 -16.35 -7.82
C THR D 163 15.38 -16.31 -7.26
N CYS D 164 15.29 -16.16 -5.94
CA CYS D 164 14.01 -16.14 -5.24
C CYS D 164 12.99 -15.28 -5.97
N VAL D 165 13.38 -14.05 -6.29
CA VAL D 165 12.49 -13.12 -6.98
C VAL D 165 12.22 -13.52 -8.42
N GLU D 166 13.26 -13.99 -9.12
CA GLU D 166 13.12 -14.43 -10.50
C GLU D 166 12.06 -15.52 -10.61
N TRP D 167 12.06 -16.43 -9.64
CA TRP D 167 11.10 -17.54 -9.64
C TRP D 167 9.72 -17.13 -9.15
N LEU D 168 9.67 -16.20 -8.20
CA LEU D 168 8.40 -15.67 -7.73
C LEU D 168 7.54 -15.13 -8.88
N ARG D 169 8.14 -14.30 -9.73
CA ARG D 169 7.44 -13.80 -10.91
C ARG D 169 7.01 -14.95 -11.83
N ARG D 170 7.92 -15.91 -12.03
CA ARG D 170 7.64 -17.02 -12.92
C ARG D 170 6.40 -17.77 -12.46
N TYR D 171 6.34 -18.07 -11.17
CA TYR D 171 5.16 -18.72 -10.60
C TYR D 171 3.93 -17.82 -10.78
N LEU D 172 4.10 -16.52 -10.51
CA LEU D 172 2.99 -15.58 -10.61
C LEU D 172 2.31 -15.63 -11.96
N GLU D 173 3.09 -15.82 -13.03
CA GLU D 173 2.52 -15.87 -14.37
C GLU D 173 2.12 -17.28 -14.77
N ASN D 174 2.84 -18.28 -14.28
CA ASN D 174 2.44 -19.66 -14.51
C ASN D 174 1.07 -19.94 -13.92
N GLY D 175 0.80 -19.35 -12.76
CA GLY D 175 -0.48 -19.50 -12.11
C GLY D 175 -1.27 -18.21 -12.10
N LYS D 176 -1.21 -17.48 -13.20
CA LYS D 176 -1.91 -16.21 -13.34
C LYS D 176 -3.33 -16.28 -12.78
N GLU D 177 -4.14 -17.16 -13.37
CA GLU D 177 -5.55 -17.30 -13.02
C GLU D 177 -5.77 -17.46 -11.52
N THR D 178 -4.81 -18.06 -10.84
CA THR D 178 -4.96 -18.37 -9.42
C THR D 178 -4.33 -17.32 -8.51
N LEU D 179 -3.06 -17.04 -8.75
CA LEU D 179 -2.28 -16.15 -7.89
C LEU D 179 -2.60 -14.68 -8.15
N GLN D 180 -2.87 -14.34 -9.40
CA GLN D 180 -3.12 -12.95 -9.77
C GLN D 180 -4.60 -12.63 -9.70
N ARG D 181 -5.29 -13.21 -8.71
CA ARG D 181 -6.71 -12.99 -8.55
C ARG D 181 -7.00 -12.41 -7.16
N THR D 182 -8.17 -11.82 -7.01
CA THR D 182 -8.66 -11.41 -5.72
C THR D 182 -10.12 -11.79 -5.60
N ASP D 183 -10.45 -12.59 -4.60
CA ASP D 183 -11.84 -12.93 -4.34
C ASP D 183 -12.39 -12.02 -3.26
N ALA D 184 -13.30 -11.13 -3.65
CA ALA D 184 -13.93 -10.21 -2.73
C ALA D 184 -14.75 -10.98 -1.70
N PRO D 185 -14.84 -10.44 -0.48
CA PRO D 185 -15.57 -11.10 0.61
C PRO D 185 -17.08 -11.08 0.41
N LYS D 186 -17.70 -12.25 0.58
CA LYS D 186 -19.15 -12.33 0.70
C LYS D 186 -19.51 -12.01 2.14
N THR D 187 -20.26 -10.92 2.35
CA THR D 187 -20.57 -10.47 3.69
C THR D 187 -22.06 -10.61 4.05
N HIS D 188 -22.34 -10.56 5.34
CA HIS D 188 -23.71 -10.58 5.85
C HIS D 188 -23.69 -10.53 7.37
N MET D 189 -24.77 -10.03 7.95
CA MET D 189 -24.83 -9.84 9.40
C MET D 189 -25.94 -10.69 10.01
N THR D 190 -25.70 -11.16 11.23
CA THR D 190 -26.69 -11.96 11.95
C THR D 190 -26.91 -11.41 13.35
N HIS D 191 -28.16 -11.46 13.80
CA HIS D 191 -28.52 -10.97 15.12
C HIS D 191 -29.11 -12.08 15.96
N HIS D 192 -28.79 -12.10 17.25
CA HIS D 192 -29.36 -13.10 18.15
C HIS D 192 -29.39 -12.62 19.59
N ALA D 193 -30.44 -13.01 20.31
CA ALA D 193 -30.62 -12.58 21.70
C ALA D 193 -29.70 -13.33 22.67
N VAL D 194 -29.01 -12.56 23.52
CA VAL D 194 -28.23 -13.14 24.59
C VAL D 194 -29.10 -13.25 25.83
N SER D 195 -29.99 -12.28 25.99
CA SER D 195 -30.92 -12.25 27.11
C SER D 195 -32.06 -11.29 26.81
N ASP D 196 -32.73 -10.81 27.85
CA ASP D 196 -33.82 -9.87 27.70
C ASP D 196 -33.31 -8.49 27.33
N HIS D 197 -32.06 -8.20 27.68
CA HIS D 197 -31.51 -6.87 27.55
C HIS D 197 -30.25 -6.79 26.69
N GLU D 198 -29.76 -7.94 26.24
CA GLU D 198 -28.56 -7.97 25.41
C GLU D 198 -28.71 -8.84 24.16
N ALA D 199 -27.88 -8.54 23.16
CA ALA D 199 -27.91 -9.28 21.90
C ALA D 199 -26.53 -9.25 21.22
N THR D 200 -26.22 -10.30 20.47
CA THR D 200 -24.97 -10.35 19.71
C THR D 200 -25.20 -10.10 18.23
N LEU D 201 -24.39 -9.20 17.68
CA LEU D 201 -24.36 -8.97 16.24
C LEU D 201 -23.06 -9.55 15.71
N ARG D 202 -23.17 -10.54 14.83
CA ARG D 202 -21.98 -11.13 14.23
C ARG D 202 -21.86 -10.71 12.77
N CYS D 203 -20.67 -10.22 12.41
CA CYS D 203 -20.42 -9.78 11.05
C CYS D 203 -19.56 -10.79 10.31
N TRP D 204 -20.00 -11.21 9.14
CA TRP D 204 -19.36 -12.30 8.41
C TRP D 204 -18.60 -11.87 7.15
N ALA D 205 -17.48 -12.54 6.91
CA ALA D 205 -16.72 -12.36 5.69
C ALA D 205 -16.33 -13.73 5.15
N LEU D 206 -16.79 -14.06 3.94
CA LEU D 206 -16.60 -15.40 3.40
C LEU D 206 -16.05 -15.42 1.97
N SER D 207 -15.34 -16.50 1.64
CA SER D 207 -14.86 -16.75 0.29
C SER D 207 -13.95 -15.67 -0.26
N PHE D 208 -13.05 -15.14 0.57
CA PHE D 208 -12.16 -14.08 0.11
C PHE D 208 -10.70 -14.52 -0.05
N TYR D 209 -9.99 -13.87 -0.97
CA TYR D 209 -8.57 -14.09 -1.18
C TYR D 209 -7.91 -12.80 -1.67
N PRO D 210 -6.74 -12.46 -1.12
CA PRO D 210 -5.98 -13.22 -0.12
C PRO D 210 -6.59 -13.15 1.27
N ALA D 211 -5.83 -13.57 2.27
CA ALA D 211 -6.31 -13.68 3.64
C ALA D 211 -6.41 -12.34 4.35
N GLU D 212 -5.54 -11.40 3.98
CA GLU D 212 -5.50 -10.10 4.65
C GLU D 212 -6.82 -9.34 4.53
N ILE D 213 -7.43 -9.07 5.68
CA ILE D 213 -8.74 -8.43 5.73
C ILE D 213 -8.91 -7.71 7.05
N THR D 214 -9.76 -6.68 7.06
CA THR D 214 -10.05 -5.97 8.30
C THR D 214 -11.55 -5.96 8.60
N LEU D 215 -11.89 -6.38 9.80
CA LEU D 215 -13.27 -6.35 10.29
C LEU D 215 -13.33 -5.53 11.57
N THR D 216 -13.97 -4.37 11.51
CA THR D 216 -14.10 -3.53 12.70
C THR D 216 -15.55 -3.17 12.98
N TRP D 217 -15.86 -2.97 14.26
CA TRP D 217 -17.19 -2.56 14.67
C TRP D 217 -17.21 -1.11 15.11
N GLN D 218 -18.32 -0.43 14.86
CA GLN D 218 -18.47 0.97 15.26
C GLN D 218 -19.84 1.25 15.85
N ARG D 219 -19.86 1.96 16.97
CA ARG D 219 -21.10 2.47 17.52
C ARG D 219 -21.11 3.98 17.32
N ASP D 220 -22.05 4.47 16.52
CA ASP D 220 -22.17 5.89 16.24
C ASP D 220 -20.94 6.47 15.54
N GLY D 221 -20.01 5.60 15.16
CA GLY D 221 -18.84 6.02 14.41
C GLY D 221 -17.53 5.90 15.16
N GLU D 222 -17.51 5.07 16.20
CA GLU D 222 -16.31 4.91 17.01
C GLU D 222 -15.93 3.43 17.17
N ASP D 223 -14.64 3.15 17.04
CA ASP D 223 -14.13 1.79 17.14
C ASP D 223 -14.54 1.14 18.47
N GLN D 224 -14.60 -0.19 18.49
CA GLN D 224 -15.13 -0.91 19.64
C GLN D 224 -14.17 -1.94 20.21
N THR D 225 -14.53 -2.47 21.38
CA THR D 225 -13.75 -3.53 22.02
C THR D 225 -14.64 -4.38 22.92
N THR D 228 -16.17 -6.41 21.48
CA THR D 228 -15.65 -6.93 20.22
C THR D 228 -14.96 -8.27 20.39
N GLU D 229 -15.32 -9.23 19.54
CA GLU D 229 -14.65 -10.52 19.50
C GLU D 229 -14.19 -10.86 18.08
N LEU D 230 -12.88 -10.97 17.90
CA LEU D 230 -12.30 -11.37 16.62
C LEU D 230 -11.80 -12.80 16.65
N VAL D 231 -12.28 -13.62 15.72
CA VAL D 231 -11.73 -14.96 15.55
C VAL D 231 -10.55 -14.92 14.58
N GLU D 232 -9.68 -15.92 14.69
CA GLU D 232 -8.54 -16.04 13.81
C GLU D 232 -9.04 -16.41 12.42
N THR D 233 -8.50 -15.77 11.39
CA THR D 233 -8.90 -16.06 10.01
C THR D 233 -8.61 -17.52 9.66
N ARG D 234 -9.64 -18.21 9.17
CA ARG D 234 -9.56 -19.64 8.89
C ARG D 234 -9.72 -19.94 7.40
N PRO D 235 -9.17 -21.08 6.94
CA PRO D 235 -9.22 -21.45 5.53
C PRO D 235 -10.48 -22.23 5.23
N ALA D 236 -11.17 -21.94 4.13
CA ALA D 236 -12.38 -22.67 3.77
C ALA D 236 -12.04 -24.05 3.21
N GLY D 237 -10.81 -24.21 2.72
CA GLY D 237 -10.38 -25.46 2.14
C GLY D 237 -10.37 -25.45 0.63
N ASP D 238 -10.99 -24.44 0.03
CA ASP D 238 -11.06 -24.34 -1.42
C ASP D 238 -10.15 -23.23 -1.95
N GLY D 239 -9.30 -22.70 -1.08
CA GLY D 239 -8.37 -21.65 -1.46
C GLY D 239 -8.82 -20.26 -1.04
N THR D 240 -9.92 -20.21 -0.29
CA THR D 240 -10.40 -18.93 0.23
C THR D 240 -10.36 -18.94 1.74
N PHE D 241 -10.72 -17.82 2.35
CA PHE D 241 -10.63 -17.69 3.80
C PHE D 241 -11.92 -17.14 4.38
N GLN D 242 -12.10 -17.34 5.69
CA GLN D 242 -13.29 -16.90 6.39
C GLN D 242 -12.91 -16.16 7.68
N LYS D 243 -13.83 -15.34 8.18
CA LYS D 243 -13.58 -14.56 9.38
C LYS D 243 -14.85 -13.82 9.79
N TRP D 244 -15.10 -13.77 11.09
CA TRP D 244 -16.24 -13.03 11.60
C TRP D 244 -15.90 -12.21 12.85
N ALA D 245 -16.66 -11.15 13.08
CA ALA D 245 -16.46 -10.28 14.23
C ALA D 245 -17.79 -10.11 14.96
N ALA D 246 -17.77 -10.25 16.28
CA ALA D 246 -19.00 -10.18 17.05
C ALA D 246 -18.95 -9.04 18.07
N VAL D 247 -20.10 -8.39 18.25
CA VAL D 247 -20.27 -7.39 19.31
C VAL D 247 -21.52 -7.72 20.12
N VAL D 248 -21.46 -7.50 21.43
CA VAL D 248 -22.63 -7.62 22.28
C VAL D 248 -23.23 -6.24 22.51
N VAL D 249 -24.51 -6.09 22.21
CA VAL D 249 -25.16 -4.78 22.27
C VAL D 249 -26.44 -4.84 23.08
N PRO D 250 -26.79 -3.72 23.74
CA PRO D 250 -28.06 -3.63 24.46
C PRO D 250 -29.26 -3.66 23.52
N SER D 251 -30.25 -4.47 23.85
CA SER D 251 -31.45 -4.61 23.02
C SER D 251 -32.11 -3.28 22.70
N GLY D 252 -32.26 -2.98 21.41
CA GLY D 252 -32.92 -1.76 20.98
C GLY D 252 -31.94 -0.71 20.49
N GLN D 253 -30.65 -1.04 20.53
CA GLN D 253 -29.62 -0.13 20.06
C GLN D 253 -28.86 -0.70 18.87
N GLU D 254 -29.43 -1.73 18.25
CA GLU D 254 -28.78 -2.40 17.13
C GLU D 254 -28.41 -1.42 16.02
N GLN D 255 -29.34 -0.54 15.66
CA GLN D 255 -29.14 0.36 14.53
C GLN D 255 -27.91 1.27 14.71
N ARG D 256 -27.48 1.46 15.95
CA ARG D 256 -26.36 2.36 16.23
C ARG D 256 -25.03 1.73 15.85
N TYR D 257 -25.05 0.44 15.55
CA TYR D 257 -23.83 -0.30 15.26
C TYR D 257 -23.64 -0.54 13.77
N THR D 258 -22.39 -0.55 13.34
CA THR D 258 -22.06 -0.78 11.94
C THR D 258 -20.80 -1.61 11.82
N CYS D 259 -20.88 -2.66 11.01
CA CYS D 259 -19.71 -3.46 10.71
C CYS D 259 -19.02 -2.88 9.50
N HIS D 260 -17.69 -2.81 9.55
CA HIS D 260 -16.93 -2.24 8.45
C HIS D 260 -15.93 -3.24 7.90
N VAL D 261 -16.06 -3.54 6.61
CA VAL D 261 -15.22 -4.54 5.98
C VAL D 261 -14.32 -3.91 4.95
N GLN D 262 -13.04 -4.25 5.02
CA GLN D 262 -12.08 -3.80 4.02
C GLN D 262 -11.22 -4.96 3.52
N HIS D 263 -11.09 -5.04 2.20
CA HIS D 263 -10.35 -6.12 1.56
C HIS D 263 -9.94 -5.65 0.18
N GLU D 264 -8.75 -6.04 -0.27
CA GLU D 264 -8.21 -5.56 -1.53
C GLU D 264 -9.04 -5.97 -2.76
N GLY D 265 -10.02 -6.85 -2.54
CA GLY D 265 -10.90 -7.27 -3.62
C GLY D 265 -12.11 -6.36 -3.76
N LEU D 266 -12.24 -5.40 -2.85
CA LEU D 266 -13.37 -4.48 -2.87
C LEU D 266 -12.98 -3.11 -3.42
N PRO D 267 -13.80 -2.58 -4.34
CA PRO D 267 -13.62 -1.22 -4.86
C PRO D 267 -13.50 -0.23 -3.71
N LYS D 268 -14.47 -0.23 -2.80
CA LYS D 268 -14.40 0.58 -1.60
C LYS D 268 -14.89 -0.21 -0.39
N PRO D 269 -14.48 0.21 0.81
CA PRO D 269 -14.85 -0.50 2.05
C PRO D 269 -16.36 -0.63 2.17
N LEU D 270 -16.82 -1.76 2.71
CA LEU D 270 -18.25 -2.01 2.88
C LEU D 270 -18.72 -1.57 4.26
N THR D 271 -19.95 -1.10 4.34
CA THR D 271 -20.56 -0.75 5.61
C THR D 271 -21.84 -1.57 5.79
N LEU D 272 -21.84 -2.45 6.77
CA LEU D 272 -23.02 -3.28 7.05
C LEU D 272 -23.78 -2.78 8.27
N ARG D 273 -25.10 -2.83 8.19
CA ARG D 273 -25.96 -2.37 9.27
C ARG D 273 -27.12 -3.34 9.44
N TRP D 274 -27.56 -3.56 10.68
CA TRP D 274 -28.74 -4.38 10.90
C TRP D 274 -29.99 -3.54 10.70
N GLU D 275 -30.56 -3.62 9.50
CA GLU D 275 -31.71 -2.82 9.14
C GLU D 275 -32.88 -3.70 8.72
N MET E 1 11.00 -22.33 26.67
CA MET E 1 10.56 -23.72 26.83
C MET E 1 9.21 -23.80 27.55
N ILE E 2 8.14 -23.69 26.77
CA ILE E 2 6.79 -23.87 27.28
C ILE E 2 5.88 -24.31 26.13
N GLN E 3 4.97 -25.23 26.42
CA GLN E 3 4.17 -25.85 25.36
C GLN E 3 2.83 -25.13 25.17
N ARG E 4 2.51 -24.82 23.92
CA ARG E 4 1.29 -24.09 23.57
C ARG E 4 0.15 -25.02 23.20
N THR E 5 -1.05 -24.71 23.71
CA THR E 5 -2.25 -25.50 23.41
C THR E 5 -2.91 -25.01 22.12
N PRO E 6 -3.58 -25.93 21.40
CA PRO E 6 -4.20 -25.59 20.11
C PRO E 6 -5.56 -24.90 20.21
N LYS E 7 -5.72 -23.83 19.44
CA LYS E 7 -7.03 -23.22 19.23
C LYS E 7 -7.81 -24.13 18.29
N ILE E 8 -9.14 -24.12 18.41
CA ILE E 8 -9.96 -25.01 17.61
C ILE E 8 -11.18 -24.31 17.02
N GLN E 9 -11.43 -24.56 15.74
CA GLN E 9 -12.61 -24.01 15.08
C GLN E 9 -13.23 -25.06 14.18
N VAL E 10 -14.51 -25.36 14.39
CA VAL E 10 -15.20 -26.31 13.55
C VAL E 10 -16.23 -25.61 12.67
N TYR E 11 -16.13 -25.83 11.38
CA TYR E 11 -16.99 -25.12 10.44
C TYR E 11 -17.10 -25.86 9.11
N SER E 12 -18.03 -25.42 8.27
CA SER E 12 -18.21 -26.00 6.95
C SER E 12 -17.58 -25.09 5.90
N ARG E 13 -17.10 -25.69 4.82
CA ARG E 13 -16.51 -24.91 3.74
C ARG E 13 -17.55 -23.97 3.15
N HIS E 14 -18.76 -24.47 2.95
CA HIS E 14 -19.84 -23.68 2.38
C HIS E 14 -20.99 -23.55 3.37
N PRO E 15 -21.85 -22.54 3.16
CA PRO E 15 -23.02 -22.40 4.04
C PRO E 15 -23.78 -23.72 4.09
N ALA E 16 -24.19 -24.12 5.29
CA ALA E 16 -24.81 -25.42 5.50
C ALA E 16 -26.22 -25.54 4.88
N GLU E 17 -26.41 -26.59 4.09
CA GLU E 17 -27.72 -26.88 3.50
C GLU E 17 -28.05 -28.36 3.62
N ASN E 18 -29.02 -28.68 4.49
CA ASN E 18 -29.44 -30.06 4.64
C ASN E 18 -29.80 -30.67 3.29
N GLY E 19 -29.05 -31.71 2.91
CA GLY E 19 -29.26 -32.37 1.63
C GLY E 19 -28.16 -32.05 0.64
N LYS E 20 -27.62 -30.83 0.73
CA LYS E 20 -26.51 -30.42 -0.11
C LYS E 20 -25.20 -30.88 0.54
N SER E 21 -24.20 -31.18 -0.27
CA SER E 21 -22.94 -31.69 0.27
C SER E 21 -21.83 -30.66 0.20
N ASN E 22 -21.03 -30.62 1.25
CA ASN E 22 -19.78 -29.86 1.25
C ASN E 22 -18.87 -30.36 2.36
N PHE E 23 -17.79 -29.63 2.64
CA PHE E 23 -16.81 -30.11 3.61
C PHE E 23 -16.93 -29.67 5.06
N LEU E 24 -16.65 -30.61 5.96
CA LEU E 24 -16.57 -30.31 7.38
C LEU E 24 -15.12 -30.03 7.74
N ASN E 25 -14.89 -28.86 8.31
CA ASN E 25 -13.53 -28.43 8.62
C ASN E 25 -13.26 -28.35 10.12
N CYS E 26 -12.05 -28.77 10.51
CA CYS E 26 -11.56 -28.52 11.86
C CYS E 26 -10.17 -27.90 11.75
N TYR E 27 -10.05 -26.68 12.26
CA TYR E 27 -8.81 -25.93 12.12
C TYR E 27 -8.09 -25.77 13.46
N VAL E 28 -7.04 -26.57 13.65
CA VAL E 28 -6.21 -26.45 14.85
C VAL E 28 -5.02 -25.56 14.57
N SER E 29 -4.74 -24.63 15.48
CA SER E 29 -3.68 -23.66 15.27
C SER E 29 -3.09 -23.14 16.58
N GLY E 30 -1.97 -22.43 16.47
CA GLY E 30 -1.32 -21.82 17.62
C GLY E 30 -0.83 -22.84 18.63
N PHE E 31 -0.47 -24.02 18.18
CA PHE E 31 0.00 -25.07 19.08
C PHE E 31 1.48 -25.41 18.88
N HIS E 32 2.10 -25.90 19.93
CA HIS E 32 3.50 -26.30 19.90
C HIS E 32 3.75 -27.29 21.03
N PRO E 33 4.44 -28.41 20.74
CA PRO E 33 5.00 -28.77 19.43
C PRO E 33 3.95 -29.29 18.45
N SER E 34 4.41 -29.78 17.29
CA SER E 34 3.53 -30.07 16.16
C SER E 34 2.73 -31.38 16.27
N ASP E 35 3.16 -32.29 17.15
CA ASP E 35 2.42 -33.53 17.36
C ASP E 35 1.00 -33.26 17.85
N ILE E 36 0.02 -33.86 17.18
CA ILE E 36 -1.38 -33.60 17.51
C ILE E 36 -2.30 -34.64 16.90
N GLU E 37 -3.33 -35.02 17.66
CA GLU E 37 -4.32 -35.98 17.19
C GLU E 37 -5.65 -35.29 16.96
N VAL E 38 -6.15 -35.35 15.74
CA VAL E 38 -7.41 -34.70 15.40
C VAL E 38 -8.39 -35.63 14.69
N ASP E 39 -9.56 -35.82 15.30
CA ASP E 39 -10.60 -36.65 14.72
C ASP E 39 -11.87 -35.84 14.47
N LEU E 40 -12.65 -36.26 13.48
CA LEU E 40 -13.95 -35.67 13.23
C LEU E 40 -15.02 -36.70 13.60
N LEU E 41 -16.03 -36.25 14.35
CA LEU E 41 -17.04 -37.17 14.86
C LEU E 41 -18.40 -36.96 14.20
N LYS E 42 -19.00 -38.05 13.77
CA LYS E 42 -20.40 -38.06 13.36
C LYS E 42 -21.19 -38.90 14.35
N ASN E 43 -21.92 -38.23 15.24
CA ASN E 43 -22.65 -38.91 16.29
C ASN E 43 -21.70 -39.62 17.24
N GLY E 44 -20.73 -38.86 17.76
CA GLY E 44 -19.77 -39.39 18.72
C GLY E 44 -18.94 -40.54 18.19
N GLU E 45 -18.93 -40.73 16.88
CA GLU E 45 -18.16 -41.80 16.27
C GLU E 45 -17.25 -41.25 15.16
N ARG E 46 -15.98 -41.64 15.19
CA ARG E 46 -15.00 -41.07 14.28
C ARG E 46 -15.28 -41.39 12.81
N ILE E 47 -15.06 -40.40 11.95
CA ILE E 47 -15.23 -40.55 10.52
C ILE E 47 -13.98 -41.17 9.91
N GLU E 48 -14.16 -42.06 8.94
CA GLU E 48 -13.04 -42.85 8.43
C GLU E 48 -12.02 -42.22 7.49
N LYS E 49 -12.49 -41.66 6.38
CA LYS E 49 -11.59 -41.09 5.38
C LYS E 49 -11.51 -39.60 5.69
N VAL E 50 -10.50 -39.21 6.46
CA VAL E 50 -10.29 -37.81 6.79
C VAL E 50 -8.90 -37.36 6.35
N GLU E 51 -8.81 -36.15 5.81
CA GLU E 51 -7.54 -35.63 5.31
C GLU E 51 -7.15 -34.36 6.07
N HIS E 52 -5.88 -34.00 5.97
CA HIS E 52 -5.39 -32.77 6.59
C HIS E 52 -4.31 -32.11 5.73
N SER E 53 -4.23 -30.79 5.79
CA SER E 53 -3.23 -30.05 5.04
C SER E 53 -1.83 -30.38 5.51
N ASP E 54 -0.84 -29.88 4.78
CA ASP E 54 0.57 -30.08 5.15
C ASP E 54 0.95 -29.15 6.29
N LEU E 55 1.76 -29.66 7.21
CA LEU E 55 2.15 -28.89 8.38
C LEU E 55 2.81 -27.58 8.00
N SER E 56 2.31 -26.48 8.57
CA SER E 56 2.92 -25.18 8.42
C SER E 56 2.83 -24.43 9.74
N PHE E 57 3.49 -23.28 9.83
CA PHE E 57 3.48 -22.54 11.09
C PHE E 57 3.33 -21.03 10.91
N SER E 58 2.90 -20.36 11.97
CA SER E 58 2.60 -18.94 11.93
C SER E 58 3.83 -18.09 12.24
N LYS E 59 3.63 -16.78 12.21
CA LYS E 59 4.70 -15.82 12.48
C LYS E 59 5.40 -16.13 13.81
N ASP E 60 4.62 -16.60 14.79
CA ASP E 60 5.14 -16.86 16.13
C ASP E 60 5.60 -18.30 16.31
N TRP E 61 5.86 -18.99 15.20
CA TRP E 61 6.39 -20.35 15.22
C TRP E 61 5.38 -21.41 15.66
N SER E 62 4.18 -20.99 16.02
CA SER E 62 3.13 -21.95 16.39
C SER E 62 2.57 -22.57 15.12
N PHE E 63 2.19 -23.84 15.20
CA PHE E 63 1.72 -24.57 14.02
C PHE E 63 0.23 -24.41 13.79
N TYR E 64 -0.23 -24.80 12.61
CA TYR E 64 -1.65 -24.83 12.29
C TYR E 64 -1.93 -25.90 11.25
N LEU E 65 -3.05 -26.59 11.40
CA LEU E 65 -3.45 -27.63 10.46
C LEU E 65 -4.94 -27.52 10.15
N LEU E 66 -5.34 -28.01 8.99
CA LEU E 66 -6.74 -28.06 8.62
C LEU E 66 -7.16 -29.49 8.34
N TYR E 67 -7.93 -30.07 9.24
CA TYR E 67 -8.50 -31.40 9.01
C TYR E 67 -9.88 -31.22 8.39
N TYR E 68 -10.20 -32.06 7.41
CA TYR E 68 -11.44 -31.90 6.66
C TYR E 68 -11.90 -33.20 6.00
N THR E 69 -13.20 -33.27 5.73
CA THR E 69 -13.77 -34.42 5.04
C THR E 69 -15.07 -34.01 4.35
N GLU E 70 -15.37 -34.66 3.23
CA GLU E 70 -16.60 -34.40 2.51
C GLU E 70 -17.79 -34.98 3.28
N PHE E 71 -18.90 -34.25 3.32
CA PHE E 71 -20.08 -34.73 4.03
C PHE E 71 -21.36 -34.01 3.58
N THR E 72 -22.50 -34.65 3.81
CA THR E 72 -23.78 -34.06 3.49
C THR E 72 -24.59 -33.86 4.76
N PRO E 73 -24.64 -32.61 5.24
CA PRO E 73 -25.37 -32.26 6.47
C PRO E 73 -26.84 -32.67 6.37
N THR E 74 -27.43 -33.02 7.50
CA THR E 74 -28.85 -33.36 7.57
C THR E 74 -29.47 -32.67 8.78
N GLU E 75 -30.79 -32.74 8.89
CA GLU E 75 -31.50 -32.12 10.00
C GLU E 75 -30.80 -32.30 11.34
N LYS E 76 -30.45 -33.53 11.68
CA LYS E 76 -29.83 -33.80 12.97
C LYS E 76 -28.81 -34.93 13.00
N ASP E 77 -27.81 -34.85 12.14
CA ASP E 77 -26.57 -35.59 12.35
C ASP E 77 -25.66 -34.65 13.12
N GLU E 78 -25.14 -35.08 14.26
CA GLU E 78 -24.26 -34.21 15.03
C GLU E 78 -22.80 -34.45 14.66
N TYR E 79 -22.08 -33.37 14.44
CA TYR E 79 -20.67 -33.46 14.09
C TYR E 79 -19.84 -32.68 15.08
N ALA E 80 -18.64 -33.19 15.34
CA ALA E 80 -17.74 -32.55 16.28
C ALA E 80 -16.29 -32.82 15.90
N CYS E 81 -15.38 -32.13 16.57
CA CYS E 81 -13.96 -32.34 16.34
C CYS E 81 -13.32 -32.76 17.66
N ARG E 82 -12.65 -33.91 17.64
CA ARG E 82 -11.95 -34.39 18.83
C ARG E 82 -10.45 -34.15 18.69
N VAL E 83 -9.92 -33.27 19.52
CA VAL E 83 -8.52 -32.88 19.46
C VAL E 83 -7.75 -33.28 20.71
N ASN E 84 -6.62 -33.96 20.52
CA ASN E 84 -5.74 -34.29 21.64
C ASN E 84 -4.31 -33.80 21.42
N HIS E 85 -3.67 -33.35 22.50
CA HIS E 85 -2.35 -32.74 22.45
C HIS E 85 -1.66 -32.94 23.81
N VAL E 86 -0.34 -32.98 23.81
CA VAL E 86 0.37 -33.23 25.07
C VAL E 86 -0.05 -32.24 26.15
N THR E 87 -0.50 -31.06 25.74
CA THR E 87 -0.90 -30.01 26.67
C THR E 87 -2.29 -30.24 27.27
N LEU E 88 -2.94 -31.33 26.86
CA LEU E 88 -4.30 -31.62 27.29
C LEU E 88 -4.43 -32.87 28.14
N SER E 89 -4.76 -32.69 29.42
CA SER E 89 -5.04 -33.82 30.31
C SER E 89 -6.20 -34.64 29.75
N GLN E 90 -7.22 -33.95 29.25
CA GLN E 90 -8.39 -34.61 28.67
C GLN E 90 -8.56 -34.20 27.21
N PRO E 91 -8.85 -35.17 26.34
CA PRO E 91 -9.13 -34.86 24.94
C PRO E 91 -10.22 -33.78 24.84
N LYS E 92 -10.01 -32.77 23.99
CA LYS E 92 -10.97 -31.68 23.88
C LYS E 92 -11.92 -31.88 22.69
N ILE E 93 -13.21 -31.71 22.94
CA ILE E 93 -14.23 -31.95 21.92
C ILE E 93 -15.08 -30.71 21.65
N VAL E 94 -15.09 -30.26 20.41
CA VAL E 94 -15.85 -29.08 20.02
C VAL E 94 -16.95 -29.45 19.02
N LYS E 95 -18.19 -29.17 19.39
CA LYS E 95 -19.33 -29.49 18.55
C LYS E 95 -19.42 -28.47 17.42
N TRP E 96 -19.86 -28.92 16.25
CA TRP E 96 -20.05 -28.02 15.13
C TRP E 96 -21.36 -27.25 15.28
N ASP E 97 -21.27 -25.94 15.38
CA ASP E 97 -22.46 -25.10 15.48
C ASP E 97 -22.71 -24.39 14.16
N ARG E 98 -23.61 -24.96 13.35
CA ARG E 98 -23.91 -24.45 12.03
C ARG E 98 -24.36 -23.00 12.05
N ASP E 99 -25.54 -22.76 12.63
CA ASP E 99 -26.08 -21.41 12.73
C ASP E 99 -25.13 -20.50 13.50
N MET E 100 -24.54 -19.54 12.79
CA MET E 100 -23.54 -18.67 13.39
C MET E 100 -23.79 -17.18 13.12
N THR F 1 11.68 -21.79 -6.20
CA THR F 1 12.68 -22.82 -5.96
C THR F 1 13.37 -22.62 -4.62
N LEU F 2 13.90 -23.71 -4.08
CA LEU F 2 14.63 -23.66 -2.82
C LEU F 2 16.02 -23.06 -3.02
N ALA F 3 16.70 -22.73 -1.92
CA ALA F 3 18.07 -22.27 -2.00
C ALA F 3 18.94 -23.37 -2.57
N CYS F 4 19.83 -23.00 -3.48
CA CYS F 4 20.64 -23.98 -4.20
C CYS F 4 21.91 -24.36 -3.43
N PHE F 5 22.47 -23.40 -2.70
CA PHE F 5 23.74 -23.59 -2.01
C PHE F 5 23.57 -24.43 -0.75
N VAL F 6 24.66 -25.02 -0.28
CA VAL F 6 24.65 -25.75 0.97
C VAL F 6 24.47 -24.76 2.12
N LEU F 7 23.47 -25.01 2.96
CA LEU F 7 23.16 -24.13 4.07
C LEU F 7 24.17 -24.31 5.20
N ALA F 8 24.56 -23.20 5.82
CA ALA F 8 25.52 -23.25 6.92
C ALA F 8 24.89 -23.87 8.17
N ALA F 9 25.65 -24.71 8.87
CA ALA F 9 25.19 -25.34 10.10
C ALA F 9 25.35 -24.38 11.27
N VAL F 10 24.49 -24.52 12.27
CA VAL F 10 24.55 -23.62 13.43
C VAL F 10 25.78 -23.90 14.28
#